data_5TC3
#
_entry.id   5TC3
#
_cell.length_a   147.880
_cell.length_b   147.880
_cell.length_c   103.542
_cell.angle_alpha   90.00
_cell.angle_beta   90.00
_cell.angle_gamma   90.00
#
_symmetry.space_group_name_H-M   'I 4'
#
loop_
_entity.id
_entity.type
_entity.pdbx_description
1 polymer "Inosine-5'-monophosphate dehydrogenase"
2 non-polymer "GUANOSINE-5'-MONOPHOSPHATE"
3 non-polymer "ADENOSINE-5'-TRIPHOSPHATE"
4 non-polymer "GUANOSINE-5'-DIPHOSPHATE"
5 non-polymer 'ACETATE ION'
6 water water
#
_entity_poly.entity_id   1
_entity_poly.type   'polypeptide(L)'
_entity_poly.pdbx_seq_one_letter_code
;HMTYRDAATALEHLATYAEKDGLSVEQLMDSKTRGGLTYNDFLVLPGKIDFPSSEVVLSSRLTKKITLNAPFVSSPMDTV
TEADMAIHMALLGGIGIIHHNCTAEEQAEMVRRVKKYENGFINAPVVVGPDATVADVRRMKNEFGFAGFPVTDDGKPTGK
LQGIITSRDIQFVEDETLLVSEIMTKDVITGKQGINLEEANQILKNTKKGKLPIVDEAGCLVSMLSRTDLMKNQSYPLAS
KSADTKQLLCGAAIGTIDADRQRLAMLVEAGLDVVVLDSSQGNSVFQINMIKWIKETFPDLQVIAGNVVTREQAASLIHA
GADGLRIGMGSGSICITQEVMACGRPQGTAVYNVTQFANQFGVPCIADGGVQNIGHITKAIALGASTVMMGGMLAGTTES
PGEYFFRDGKRLKTYRGMGSIDAMQKTDVKGNAATSRYFSESDKVLVAQGVTGSVIDKGSIKKYIPYLYNGLQHSCQDIG
VRSLVEFREKVDSGSVRFEFRTPSAQLEGGVHNLHSYEKRLFD
;
_entity_poly.pdbx_strand_id   A,B
#
# COMPACT_ATOMS: atom_id res chain seq x y z
N THR A 3 -37.05 54.49 -6.66
CA THR A 3 -35.66 54.64 -7.03
C THR A 3 -34.76 53.80 -6.11
N TYR A 4 -33.60 53.41 -6.63
CA TYR A 4 -32.66 52.56 -5.92
C TYR A 4 -31.45 53.38 -5.45
N ARG A 5 -30.56 52.72 -4.72
CA ARG A 5 -29.32 53.33 -4.28
C ARG A 5 -28.23 53.13 -5.33
N ASP A 6 -27.30 54.08 -5.37
CA ASP A 6 -26.17 53.98 -6.27
C ASP A 6 -25.24 52.86 -5.81
N ALA A 7 -24.77 52.06 -6.77
CA ALA A 7 -23.82 51.00 -6.44
C ALA A 7 -22.53 51.58 -5.87
N ALA A 8 -22.19 52.81 -6.23
CA ALA A 8 -20.99 53.44 -5.70
C ALA A 8 -21.03 53.53 -4.18
N THR A 9 -22.23 53.65 -3.60
CA THR A 9 -22.40 53.81 -2.16
C THR A 9 -22.54 52.49 -1.43
N ALA A 10 -22.41 51.36 -2.12
CA ALA A 10 -22.64 50.06 -1.49
C ALA A 10 -21.77 49.87 -0.26
N LEU A 11 -20.46 50.12 -0.40
CA LEU A 11 -19.57 49.95 0.74
C LEU A 11 -19.79 51.04 1.78
N GLU A 12 -19.98 52.29 1.34
CA GLU A 12 -20.32 53.36 2.27
C GLU A 12 -21.58 53.02 3.05
N HIS A 13 -22.51 52.30 2.43
CA HIS A 13 -23.78 52.01 3.10
C HIS A 13 -23.63 50.93 4.17
N LEU A 14 -22.63 50.06 4.04
CA LEU A 14 -22.40 49.06 5.08
C LEU A 14 -22.25 49.71 6.45
N ALA A 15 -21.83 50.99 6.49
CA ALA A 15 -21.62 51.66 7.75
C ALA A 15 -22.93 51.82 8.53
N THR A 16 -24.03 52.05 7.83
CA THR A 16 -25.30 52.36 8.49
C THR A 16 -25.83 51.21 9.34
N TYR A 17 -25.24 50.02 9.25
CA TYR A 17 -25.67 48.88 10.04
C TYR A 17 -24.93 48.84 11.36
N ALA A 18 -25.63 48.47 12.42
CA ALA A 18 -25.07 48.48 13.77
C ALA A 18 -23.79 47.65 13.82
N GLU A 19 -23.90 46.34 13.68
CA GLU A 19 -22.74 45.46 13.71
C GLU A 19 -22.68 44.62 12.44
N LYS A 20 -21.54 43.95 12.29
CA LYS A 20 -21.28 43.15 11.10
C LYS A 20 -22.29 42.00 11.00
N ASP A 21 -22.58 41.60 9.76
CA ASP A 21 -23.51 40.51 9.52
C ASP A 21 -23.00 39.25 10.22
N GLY A 22 -23.90 38.56 10.92
CA GLY A 22 -23.54 37.37 11.65
C GLY A 22 -23.28 37.66 13.12
N LEU A 23 -22.66 36.68 13.78
CA LEU A 23 -22.35 36.77 15.19
C LEU A 23 -20.84 36.81 15.40
N SER A 24 -20.40 37.57 16.40
CA SER A 24 -19.06 37.38 16.91
C SER A 24 -19.00 36.05 17.67
N VAL A 25 -17.79 35.62 18.00
CA VAL A 25 -17.65 34.37 18.73
C VAL A 25 -18.27 34.50 20.12
N GLU A 26 -18.21 35.69 20.72
CA GLU A 26 -18.80 35.88 22.04
C GLU A 26 -20.31 35.70 21.99
N GLN A 27 -20.90 36.39 21.07
CA GLN A 27 -22.34 36.27 20.92
C GLN A 27 -22.69 34.77 20.63
N LEU A 28 -21.93 34.06 19.78
CA LEU A 28 -22.20 32.62 19.52
C LEU A 28 -22.13 31.70 20.83
N MET A 29 -21.12 31.88 21.69
CA MET A 29 -20.85 31.04 22.91
C MET A 29 -21.38 31.48 24.30
N ASP A 30 -22.25 32.47 24.42
CA ASP A 30 -22.73 32.77 25.80
C ASP A 30 -23.51 31.53 26.24
N SER A 31 -23.30 31.03 27.46
CA SER A 31 -24.07 29.82 27.91
C SER A 31 -25.61 30.06 28.24
N LYS A 32 -25.97 31.22 28.82
CA LYS A 32 -27.42 31.46 29.18
C LYS A 32 -28.39 31.50 27.95
N THR A 33 -28.00 32.13 26.81
CA THR A 33 -28.89 32.20 25.62
C THR A 33 -28.91 30.83 24.96
N GLY A 35 -27.39 27.58 24.17
CA GLY A 35 -26.23 27.30 25.00
C GLY A 35 -25.77 25.84 24.93
N GLY A 36 -24.59 25.48 25.40
CA GLY A 36 -24.15 24.11 25.34
C GLY A 36 -24.10 23.46 23.92
N LEU A 37 -23.39 24.10 22.96
CA LEU A 37 -23.35 23.71 21.53
C LEU A 37 -22.04 22.97 21.12
N THR A 38 -22.02 22.22 19.99
CA THR A 38 -20.85 21.52 19.42
C THR A 38 -20.55 21.92 18.01
N TYR A 39 -19.63 21.27 17.38
CA TYR A 39 -19.12 21.74 16.09
C TYR A 39 -20.22 21.81 15.04
N ASN A 40 -21.12 20.83 15.02
CA ASN A 40 -22.16 20.79 14.00
C ASN A 40 -23.26 21.82 14.24
N ASP A 41 -23.23 22.57 15.33
CA ASP A 41 -24.28 23.55 15.60
C ASP A 41 -23.97 24.95 15.08
N PHE A 42 -22.86 25.14 14.37
CA PHE A 42 -22.55 26.47 13.88
C PHE A 42 -21.65 26.37 12.66
N LEU A 43 -21.63 27.45 11.88
CA LEU A 43 -20.76 27.61 10.73
C LEU A 43 -19.96 28.89 10.89
N VAL A 44 -18.83 28.95 10.19
CA VAL A 44 -18.04 30.17 10.07
C VAL A 44 -18.44 30.86 8.77
N LEU A 45 -18.75 32.14 8.84
CA LEU A 45 -19.15 32.83 7.63
C LEU A 45 -17.92 33.21 6.80
N PRO A 46 -18.05 33.22 5.47
CA PRO A 46 -16.90 33.56 4.63
C PRO A 46 -16.60 35.04 4.64
N GLY A 47 -15.34 35.35 4.35
CA GLY A 47 -14.88 36.73 4.26
C GLY A 47 -14.51 37.15 2.86
N LYS A 48 -13.35 37.78 2.72
CA LYS A 48 -12.86 38.26 1.43
C LYS A 48 -11.58 37.50 1.07
N ILE A 49 -11.51 37.01 -0.16
CA ILE A 49 -10.35 36.30 -0.67
C ILE A 49 -9.50 37.27 -1.49
N ASP A 50 -8.22 37.37 -1.14
CA ASP A 50 -7.28 38.14 -1.96
C ASP A 50 -5.91 37.48 -1.92
N PHE A 51 -5.88 36.15 -1.95
CA PHE A 51 -4.64 35.38 -1.93
C PHE A 51 -4.96 33.93 -2.31
N PRO A 52 -3.99 33.19 -2.83
CA PRO A 52 -4.24 31.77 -3.16
C PRO A 52 -4.22 30.90 -1.91
N SER A 53 -4.75 29.70 -2.07
CA SER A 53 -4.82 28.77 -0.95
C SER A 53 -3.45 28.21 -0.60
N SER A 54 -2.54 28.12 -1.58
CA SER A 54 -1.18 27.65 -1.30
C SER A 54 -0.43 28.60 -0.39
N GLU A 55 -0.90 29.83 -0.25
CA GLU A 55 -0.25 30.86 0.57
C GLU A 55 -0.58 30.74 2.05
N VAL A 56 -1.48 29.85 2.43
CA VAL A 56 -1.97 29.78 3.81
C VAL A 56 -0.98 28.99 4.65
N VAL A 57 -0.56 29.57 5.77
CA VAL A 57 0.37 28.94 6.71
C VAL A 57 -0.42 28.29 7.83
N LEU A 58 -0.11 27.05 8.14
CA LEU A 58 -0.82 26.29 9.17
C LEU A 58 0.08 25.98 10.36
N SER A 59 1.05 26.86 10.65
CA SER A 59 1.92 26.69 11.79
C SER A 59 1.12 26.81 13.08
N SER A 60 1.35 25.85 13.99
CA SER A 60 0.50 25.70 15.17
C SER A 60 1.35 25.31 16.37
N ARG A 61 1.07 25.92 17.51
CA ARG A 61 1.78 25.64 18.74
C ARG A 61 1.18 24.41 19.42
N LEU A 62 2.02 23.40 19.69
CA LEU A 62 1.61 22.23 20.45
C LEU A 62 1.83 22.44 21.95
N THR A 63 2.91 23.13 22.31
CA THR A 63 3.19 23.49 23.70
C THR A 63 3.78 24.89 23.68
N LYS A 64 4.19 25.37 24.85
CA LYS A 64 4.81 26.69 24.93
C LYS A 64 6.03 26.78 24.02
N LYS A 65 6.76 25.68 23.84
CA LYS A 65 8.02 25.72 23.11
C LYS A 65 8.00 24.98 21.78
N ILE A 66 7.04 24.10 21.54
CA ILE A 66 7.02 23.26 20.35
C ILE A 66 5.99 23.81 19.36
N THR A 67 6.39 23.91 18.10
CA THR A 67 5.51 24.36 17.03
C THR A 67 5.54 23.35 15.89
N LEU A 68 4.38 23.06 15.33
CA LEU A 68 4.24 22.16 14.20
C LEU A 68 3.86 22.95 12.96
N ASN A 69 4.18 22.38 11.80
CA ASN A 69 3.76 22.98 10.54
C ASN A 69 2.30 22.67 10.21
N ALA A 70 1.69 21.71 10.91
CA ALA A 70 0.29 21.36 10.72
C ALA A 70 -0.33 21.06 12.06
N PRO A 71 -1.59 21.43 12.29
CA PRO A 71 -2.19 21.26 13.62
C PRO A 71 -2.73 19.87 13.87
N PHE A 72 -2.06 18.84 13.38
CA PHE A 72 -2.57 17.48 13.41
C PHE A 72 -1.81 16.66 14.44
N VAL A 73 -2.56 16.01 15.35
CA VAL A 73 -2.00 15.21 16.43
C VAL A 73 -2.76 13.90 16.48
N SER A 74 -2.05 12.79 16.32
CA SER A 74 -2.68 11.48 16.42
C SER A 74 -2.85 11.09 17.87
N SER A 75 -4.00 10.53 18.19
CA SER A 75 -4.40 10.26 19.56
C SER A 75 -3.64 9.07 20.13
N PRO A 76 -3.34 9.07 21.53
CA PRO A 76 -2.66 7.92 22.16
C PRO A 76 -3.61 6.77 22.47
N MET A 77 -3.92 5.99 21.43
CA MET A 77 -4.77 4.82 21.56
C MET A 77 -4.12 3.66 20.82
N ASP A 78 -4.22 2.47 21.40
CA ASP A 78 -3.49 1.32 20.88
C ASP A 78 -4.01 0.85 19.51
N THR A 79 -5.03 1.49 18.97
CA THR A 79 -5.50 1.20 17.62
C THR A 79 -5.16 2.32 16.64
N VAL A 80 -4.39 3.32 17.08
CA VAL A 80 -4.11 4.49 16.25
C VAL A 80 -2.61 4.75 16.19
N THR A 81 -1.99 5.01 17.34
CA THR A 81 -0.64 5.58 17.38
C THR A 81 0.34 4.64 18.07
N GLU A 82 1.15 3.95 17.26
CA GLU A 82 2.40 3.38 17.73
C GLU A 82 3.52 3.99 16.89
N ALA A 83 4.66 3.31 16.78
CA ALA A 83 5.82 3.91 16.12
C ALA A 83 5.49 4.30 14.68
N ASP A 84 4.90 3.39 13.92
CA ASP A 84 4.63 3.66 12.51
C ASP A 84 3.81 4.93 12.32
N MET A 85 2.75 5.08 13.12
CA MET A 85 1.92 6.28 13.03
C MET A 85 2.71 7.53 13.45
N ALA A 86 3.43 7.44 14.57
CA ALA A 86 4.14 8.61 15.08
C ALA A 86 5.19 9.11 14.09
N ILE A 87 5.87 8.19 13.41
CA ILE A 87 6.92 8.60 12.46
C ILE A 87 6.31 9.44 11.35
N HIS A 88 5.20 8.96 10.77
CA HIS A 88 4.66 9.60 9.59
C HIS A 88 3.87 10.86 9.91
N MET A 89 3.18 10.89 11.05
CA MET A 89 2.56 12.13 11.47
C MET A 89 3.62 13.23 11.59
N ALA A 90 4.80 12.88 12.11
CA ALA A 90 5.86 13.84 12.27
C ALA A 90 6.41 14.29 10.92
N LEU A 91 6.64 13.34 10.00
CA LEU A 91 7.18 13.68 8.70
C LEU A 91 6.26 14.62 7.93
N LEU A 92 4.95 14.49 8.13
CA LEU A 92 3.96 15.23 7.36
C LEU A 92 3.51 16.52 8.05
N GLY A 93 4.22 16.97 9.07
CA GLY A 93 3.98 18.26 9.68
C GLY A 93 3.31 18.25 11.03
N GLY A 94 2.95 17.08 11.55
CA GLY A 94 2.30 16.99 12.85
C GLY A 94 3.12 16.24 13.88
N ILE A 95 2.45 15.46 14.73
CA ILE A 95 3.13 14.66 15.73
C ILE A 95 2.18 13.57 16.19
N GLY A 96 2.73 12.45 16.64
CA GLY A 96 1.94 11.35 17.18
C GLY A 96 2.26 11.12 18.64
N ILE A 97 1.22 10.82 19.42
CA ILE A 97 1.36 10.54 20.85
C ILE A 97 1.21 9.03 21.03
N ILE A 98 2.32 8.35 21.34
CA ILE A 98 2.30 6.90 21.44
C ILE A 98 1.49 6.49 22.68
N HIS A 99 0.69 5.44 22.51
CA HIS A 99 -0.16 4.95 23.59
C HIS A 99 0.68 4.24 24.64
N HIS A 100 0.12 4.14 25.86
CA HIS A 100 0.76 3.47 26.98
C HIS A 100 0.01 2.23 27.41
N ASN A 101 -0.80 1.64 26.53
CA ASN A 101 -1.41 0.35 26.80
C ASN A 101 -0.41 -0.75 26.42
N CYS A 102 0.67 -0.81 27.20
CA CYS A 102 1.79 -1.70 26.97
C CYS A 102 2.77 -1.45 28.10
N THR A 103 3.72 -2.38 28.27
CA THR A 103 4.71 -2.23 29.31
C THR A 103 5.57 -0.99 29.04
N ALA A 104 6.33 -0.58 30.07
CA ALA A 104 7.15 0.61 29.94
C ALA A 104 8.31 0.38 28.96
N GLU A 105 8.89 -0.81 28.96
CA GLU A 105 9.95 -1.11 28.00
C GLU A 105 9.44 -1.07 26.58
N GLU A 106 8.23 -1.59 26.35
CA GLU A 106 7.66 -1.60 25.01
C GLU A 106 7.38 -0.18 24.51
N GLN A 107 6.89 0.70 25.39
CA GLN A 107 6.58 2.06 24.99
C GLN A 107 7.84 2.85 24.69
N ALA A 108 8.88 2.68 25.51
CA ALA A 108 10.13 3.39 25.27
C ALA A 108 10.78 2.93 23.96
N GLU A 109 10.69 1.63 23.66
CA GLU A 109 11.18 1.14 22.38
C GLU A 109 10.45 1.82 21.22
N MET A 110 9.13 1.94 21.31
CA MET A 110 8.38 2.63 20.27
C MET A 110 8.87 4.06 20.10
N VAL A 111 8.99 4.79 21.21
CA VAL A 111 9.57 6.14 21.15
C VAL A 111 10.94 6.08 20.48
N ARG A 112 11.75 5.12 20.90
CA ARG A 112 13.10 5.00 20.37
C ARG A 112 13.09 4.85 18.85
N ARG A 113 12.19 4.01 18.32
CA ARG A 113 12.13 3.81 16.88
C ARG A 113 11.70 5.07 16.15
N VAL A 114 10.92 5.94 16.80
CA VAL A 114 10.54 7.21 16.18
C VAL A 114 11.73 8.16 16.17
N LYS A 115 12.43 8.27 17.30
CA LYS A 115 13.56 9.19 17.39
C LYS A 115 14.71 8.79 16.47
N LYS A 116 14.84 7.50 16.15
CA LYS A 116 15.94 7.01 15.32
C LYS A 116 15.56 6.89 13.84
N TYR A 117 14.31 7.18 13.46
CA TYR A 117 13.92 6.97 12.07
C TYR A 117 14.72 7.87 11.14
N GLU A 118 14.91 9.14 11.51
CA GLU A 118 15.69 10.10 10.74
C GLU A 118 16.69 10.76 11.67
N ASN A 119 17.94 10.85 11.22
CA ASN A 119 19.00 11.45 12.02
C ASN A 119 19.80 12.43 11.17
N GLY A 120 20.52 13.30 11.86
CA GLY A 120 21.64 14.00 11.25
C GLY A 120 22.90 13.22 11.54
N PHE A 121 23.38 13.28 12.77
CA PHE A 121 24.47 12.45 13.25
C PHE A 121 23.86 11.25 13.98
N ILE A 122 24.06 10.05 13.43
CA ILE A 122 23.60 8.84 14.09
C ILE A 122 24.52 8.59 15.28
N ASN A 123 24.00 8.79 16.49
CA ASN A 123 24.78 8.56 17.69
C ASN A 123 24.72 7.09 18.08
N ALA A 124 25.89 6.50 18.34
CA ALA A 124 25.99 5.08 18.69
C ALA A 124 25.40 4.21 17.59
N PRO A 125 25.89 4.34 16.35
CA PRO A 125 25.33 3.53 15.26
C PRO A 125 25.56 2.04 15.51
N VAL A 126 24.63 1.23 15.02
CA VAL A 126 24.77 -0.21 15.13
C VAL A 126 26.00 -0.64 14.35
N VAL A 127 26.92 -1.32 15.04
CA VAL A 127 28.17 -1.77 14.41
C VAL A 127 28.20 -3.29 14.40
N VAL A 128 29.29 -3.85 13.90
CA VAL A 128 29.50 -5.30 13.90
C VAL A 128 30.99 -5.55 14.05
N GLY A 129 31.33 -6.71 14.59
CA GLY A 129 32.71 -7.12 14.72
C GLY A 129 33.17 -7.87 13.49
N PRO A 130 34.49 -7.97 13.29
CA PRO A 130 34.99 -8.69 12.12
C PRO A 130 34.72 -10.19 12.17
N ASP A 131 34.44 -10.75 13.35
CA ASP A 131 34.15 -12.16 13.46
C ASP A 131 32.76 -12.54 12.97
N ALA A 132 31.83 -11.58 12.93
CA ALA A 132 30.48 -11.88 12.48
C ALA A 132 30.50 -12.43 11.05
N THR A 133 29.41 -13.10 10.69
CA THR A 133 29.28 -13.74 9.39
C THR A 133 28.23 -13.02 8.55
N VAL A 134 28.15 -13.42 7.29
CA VAL A 134 27.06 -12.95 6.44
C VAL A 134 25.72 -13.33 7.04
N ALA A 135 25.62 -14.56 7.56
CA ALA A 135 24.39 -14.99 8.21
C ALA A 135 24.02 -14.06 9.36
N ASP A 136 25.02 -13.54 10.08
CA ASP A 136 24.75 -12.63 11.18
C ASP A 136 24.33 -11.26 10.67
N VAL A 137 24.96 -10.76 9.61
CA VAL A 137 24.61 -9.45 9.08
C VAL A 137 23.22 -9.48 8.47
N ARG A 138 22.80 -10.62 7.90
CA ARG A 138 21.44 -10.72 7.40
C ARG A 138 20.42 -10.71 8.53
N ARG A 139 20.73 -11.37 9.65
CA ARG A 139 19.83 -11.35 10.80
C ARG A 139 19.63 -9.93 11.30
N MET A 140 20.70 -9.13 11.36
CA MET A 140 20.61 -7.78 11.86
C MET A 140 19.79 -6.88 10.92
N LYS A 141 19.85 -7.14 9.61
CA LYS A 141 18.99 -6.40 8.69
C LYS A 141 17.53 -6.68 8.96
N ASN A 142 17.18 -7.93 9.26
CA ASN A 142 15.81 -8.29 9.57
C ASN A 142 15.36 -7.66 10.89
N GLU A 143 16.28 -7.49 11.84
CA GLU A 143 15.91 -6.94 13.14
C GLU A 143 15.80 -5.42 13.08
N PHE A 144 16.77 -4.75 12.45
CA PHE A 144 16.88 -3.31 12.55
C PHE A 144 16.28 -2.57 11.35
N GLY A 145 16.10 -3.24 10.21
CA GLY A 145 15.56 -2.59 9.04
C GLY A 145 16.58 -1.97 8.12
N PHE A 146 17.84 -1.87 8.53
CA PHE A 146 18.91 -1.36 7.68
C PHE A 146 20.06 -2.35 7.71
N ALA A 147 20.95 -2.22 6.73
CA ALA A 147 22.08 -3.13 6.58
C ALA A 147 23.43 -2.43 6.53
N GLY A 148 23.48 -1.12 6.68
CA GLY A 148 24.74 -0.41 6.73
C GLY A 148 25.38 -0.44 8.10
N PHE A 149 26.40 -1.28 8.26
CA PHE A 149 27.03 -1.50 9.55
C PHE A 149 28.53 -1.21 9.49
N PRO A 150 29.02 -0.13 10.08
CA PRO A 150 30.47 0.01 10.23
C PRO A 150 31.02 -1.16 11.03
N VAL A 151 32.22 -1.58 10.67
CA VAL A 151 32.88 -2.72 11.30
C VAL A 151 33.96 -2.19 12.24
N THR A 152 33.82 -2.47 13.52
CA THR A 152 34.78 -2.05 14.53
C THR A 152 35.50 -3.25 15.11
N ASP A 153 36.71 -3.00 15.63
CA ASP A 153 37.60 -4.09 16.02
C ASP A 153 37.03 -4.92 17.18
N ASP A 154 36.34 -4.26 18.12
CA ASP A 154 35.81 -4.93 19.30
C ASP A 154 34.31 -5.16 19.22
N GLY A 155 33.65 -4.76 18.14
CA GLY A 155 32.21 -4.90 18.02
C GLY A 155 31.42 -3.87 18.79
N LYS A 156 32.06 -2.82 19.32
CA LYS A 156 31.37 -1.79 20.07
C LYS A 156 31.25 -0.51 19.24
N PRO A 157 30.22 0.30 19.48
CA PRO A 157 30.07 1.54 18.70
C PRO A 157 31.29 2.45 18.73
N THR A 158 32.13 2.35 19.75
CA THR A 158 33.27 3.25 19.92
C THR A 158 34.60 2.55 19.66
N GLY A 159 34.60 1.41 18.97
CA GLY A 159 35.81 0.71 18.64
C GLY A 159 36.52 1.31 17.44
N LYS A 160 37.69 0.73 17.13
CA LYS A 160 38.48 1.21 16.00
C LYS A 160 37.81 0.80 14.69
N LEU A 161 37.68 1.75 13.77
CA LEU A 161 37.00 1.52 12.51
C LEU A 161 37.88 0.68 11.58
N GLN A 162 37.40 -0.50 11.21
CA GLN A 162 38.12 -1.38 10.29
C GLN A 162 37.52 -1.44 8.89
N GLY A 163 36.24 -1.09 8.75
CA GLY A 163 35.59 -1.15 7.45
C GLY A 163 34.10 -0.94 7.61
N ILE A 164 33.39 -1.12 6.50
CA ILE A 164 31.94 -0.96 6.47
C ILE A 164 31.35 -2.02 5.54
N ILE A 165 30.18 -2.53 5.91
CA ILE A 165 29.47 -3.52 5.12
C ILE A 165 28.03 -3.05 4.95
N THR A 166 27.47 -3.27 3.76
CA THR A 166 26.17 -2.71 3.42
C THR A 166 25.39 -3.73 2.60
N SER A 167 24.21 -3.31 2.11
CA SER A 167 23.32 -4.22 1.39
C SER A 167 24.02 -4.85 0.20
N ARG A 168 24.73 -4.04 -0.60
CA ARG A 168 25.34 -4.53 -1.82
C ARG A 168 26.56 -5.41 -1.58
N ASP A 169 27.10 -5.43 -0.36
CA ASP A 169 28.23 -6.28 -0.05
C ASP A 169 27.80 -7.69 0.34
N ILE A 170 26.53 -7.90 0.68
CA ILE A 170 26.02 -9.21 1.05
C ILE A 170 24.87 -9.66 0.17
N GLN A 171 24.51 -8.87 -0.85
CA GLN A 171 23.28 -9.10 -1.60
C GLN A 171 23.26 -10.50 -2.21
N PHE A 172 24.26 -10.80 -3.05
CA PHE A 172 24.29 -12.04 -3.81
C PHE A 172 25.41 -12.97 -3.36
N VAL A 173 25.79 -12.88 -2.08
CA VAL A 173 26.82 -13.75 -1.53
C VAL A 173 26.20 -15.11 -1.26
N GLU A 174 26.76 -16.15 -1.87
CA GLU A 174 26.19 -17.50 -1.77
C GLU A 174 26.59 -18.19 -0.47
N ASP A 175 27.77 -17.88 0.06
CA ASP A 175 28.27 -18.52 1.28
C ASP A 175 27.93 -17.63 2.47
N GLU A 176 26.96 -18.06 3.27
CA GLU A 176 26.56 -17.31 4.45
C GLU A 176 27.50 -17.50 5.63
N THR A 177 28.53 -18.34 5.51
CA THR A 177 29.48 -18.55 6.57
C THR A 177 30.71 -17.66 6.46
N LEU A 178 30.85 -16.92 5.36
CA LEU A 178 31.98 -16.00 5.21
C LEU A 178 32.05 -15.05 6.39
N LEU A 179 33.26 -14.59 6.68
CA LEU A 179 33.45 -13.57 7.68
C LEU A 179 33.22 -12.19 7.07
N VAL A 180 32.68 -11.28 7.89
CA VAL A 180 32.50 -9.91 7.45
C VAL A 180 33.82 -9.33 6.95
N SER A 181 34.92 -9.70 7.62
CA SER A 181 36.23 -9.15 7.27
C SER A 181 36.62 -9.45 5.83
N GLU A 182 36.08 -10.51 5.22
CA GLU A 182 36.50 -10.90 3.89
C GLU A 182 35.82 -10.09 2.79
N ILE A 183 34.58 -9.66 3.01
CA ILE A 183 33.80 -8.98 1.97
C ILE A 183 33.53 -7.52 2.30
N MET A 184 33.91 -7.06 3.48
CA MET A 184 33.64 -5.67 3.86
C MET A 184 34.58 -4.72 3.12
N THR A 185 34.08 -3.51 2.89
CA THR A 185 34.90 -2.45 2.31
C THR A 185 35.79 -1.86 3.39
N LYS A 186 37.10 -2.00 3.22
CA LYS A 186 38.07 -1.61 4.24
C LYS A 186 38.51 -0.16 4.12
N ASP A 187 38.69 0.35 2.90
CA ASP A 187 39.08 1.75 2.69
C ASP A 187 37.81 2.57 2.68
N VAL A 188 37.41 3.04 3.85
CA VAL A 188 36.16 3.74 4.05
C VAL A 188 36.43 5.23 4.04
N ILE A 189 35.60 5.98 3.29
CA ILE A 189 35.63 7.43 3.34
C ILE A 189 34.90 7.89 4.59
N THR A 190 35.53 8.75 5.36
CA THR A 190 35.02 9.19 6.66
C THR A 190 35.11 10.70 6.74
N GLY A 191 34.60 11.23 7.85
CA GLY A 191 34.80 12.62 8.21
C GLY A 191 35.39 12.70 9.60
N LYS A 192 36.29 13.64 9.81
CA LYS A 192 36.92 13.77 11.13
C LYS A 192 35.93 14.36 12.12
N GLN A 193 35.94 13.83 13.34
CA GLN A 193 35.06 14.35 14.37
C GLN A 193 35.30 15.85 14.56
N GLY A 194 34.25 16.53 15.03
CA GLY A 194 34.26 17.97 15.13
C GLY A 194 33.65 18.67 13.92
N ILE A 195 33.69 18.01 12.75
CA ILE A 195 33.03 18.54 11.57
C ILE A 195 31.56 18.76 11.88
N ASN A 196 31.03 19.92 11.48
CA ASN A 196 29.62 20.21 11.71
C ASN A 196 28.77 19.49 10.65
N LEU A 197 27.46 19.66 10.76
CA LEU A 197 26.54 18.90 9.92
C LEU A 197 26.63 19.34 8.46
N GLU A 198 26.58 20.65 8.21
CA GLU A 198 26.61 21.14 6.83
C GLU A 198 27.90 20.71 6.15
N GLU A 199 29.01 20.69 6.89
CA GLU A 199 30.28 20.26 6.30
C GLU A 199 30.30 18.76 6.06
N ALA A 200 29.80 17.97 7.02
CA ALA A 200 29.78 16.52 6.84
C ALA A 200 28.78 16.11 5.77
N ASN A 201 27.67 16.83 5.64
CA ASN A 201 26.73 16.55 4.55
C ASN A 201 27.40 16.69 3.20
N GLN A 202 28.31 17.66 3.06
CA GLN A 202 28.95 17.90 1.77
C GLN A 202 29.90 16.78 1.40
N ILE A 203 30.68 16.29 2.37
CA ILE A 203 31.54 15.13 2.12
C ILE A 203 30.69 13.94 1.69
N LEU A 204 29.58 13.71 2.40
CA LEU A 204 28.71 12.60 2.05
C LEU A 204 28.21 12.73 0.61
N LYS A 205 27.71 13.91 0.24
CA LYS A 205 27.21 14.12 -1.12
C LYS A 205 28.28 13.81 -2.15
N ASN A 206 29.50 14.31 -1.92
CA ASN A 206 30.52 14.26 -2.96
C ASN A 206 30.97 12.84 -3.26
N THR A 207 30.96 11.95 -2.27
CA THR A 207 31.35 10.57 -2.50
C THR A 207 30.27 9.77 -3.20
N LYS A 208 29.03 10.24 -3.20
CA LYS A 208 27.90 9.50 -3.75
C LYS A 208 27.82 8.11 -3.11
N LYS A 209 28.31 7.99 -1.88
CA LYS A 209 28.23 6.77 -1.10
C LYS A 209 27.10 6.86 -0.07
N GLY A 210 26.73 5.69 0.45
CA GLY A 210 25.57 5.63 1.33
C GLY A 210 25.85 6.19 2.71
N LYS A 211 27.03 5.91 3.27
CA LYS A 211 27.33 6.27 4.64
C LYS A 211 28.56 7.14 4.72
N LEU A 212 28.73 7.80 5.86
CA LEU A 212 29.94 8.56 6.17
C LEU A 212 30.22 8.41 7.66
N PRO A 213 30.86 7.32 8.06
CA PRO A 213 31.26 7.18 9.46
C PRO A 213 32.12 8.36 9.90
N ILE A 214 31.93 8.79 11.14
CA ILE A 214 32.73 9.84 11.75
C ILE A 214 33.66 9.20 12.75
N VAL A 215 34.95 9.55 12.67
CA VAL A 215 35.97 8.97 13.53
C VAL A 215 36.72 10.09 14.23
N ASP A 216 37.36 9.74 15.34
CA ASP A 216 38.20 10.67 16.09
C ASP A 216 39.66 10.50 15.65
N GLU A 217 40.60 11.02 16.42
CA GLU A 217 42.01 10.94 16.03
C GLU A 217 42.56 9.52 16.15
N ALA A 218 42.05 8.74 17.10
CA ALA A 218 42.50 7.37 17.28
C ALA A 218 42.00 6.44 16.20
N GLY A 219 41.06 6.88 15.36
CA GLY A 219 40.39 5.99 14.44
C GLY A 219 39.16 5.33 15.00
N CYS A 220 38.63 5.80 16.12
CA CYS A 220 37.46 5.22 16.75
C CYS A 220 36.19 5.85 16.21
N LEU A 221 35.16 5.03 16.03
CA LEU A 221 33.88 5.51 15.56
C LEU A 221 33.19 6.33 16.65
N VAL A 222 32.45 7.36 16.23
CA VAL A 222 31.73 8.22 17.16
C VAL A 222 30.30 8.40 16.69
N SER A 223 30.11 8.55 15.38
CA SER A 223 28.78 8.72 14.80
C SER A 223 28.86 8.37 13.32
N MET A 224 27.73 8.48 12.64
CA MET A 224 27.65 8.14 11.23
C MET A 224 26.56 8.98 10.59
N LEU A 225 26.71 9.19 9.28
CA LEU A 225 25.70 9.85 8.45
C LEU A 225 25.14 8.86 7.44
N SER A 226 23.90 9.10 7.03
CA SER A 226 23.20 8.26 6.07
C SER A 226 22.74 9.13 4.90
N ARG A 227 22.99 8.65 3.68
CA ARG A 227 22.53 9.38 2.50
C ARG A 227 21.01 9.47 2.46
N THR A 228 20.31 8.50 3.04
CA THR A 228 18.85 8.50 2.97
C THR A 228 18.22 9.52 3.90
N ASP A 229 18.89 9.91 4.98
CA ASP A 229 18.37 10.98 5.80
C ASP A 229 18.34 12.30 5.02
N LEU A 230 19.29 12.50 4.10
CA LEU A 230 19.20 13.65 3.21
C LEU A 230 18.02 13.51 2.26
N MET A 231 17.65 12.28 1.90
CA MET A 231 16.48 12.06 1.06
C MET A 231 15.20 12.31 1.85
N LYS A 232 15.12 11.76 3.05
CA LYS A 232 13.93 11.95 3.88
C LYS A 232 13.65 13.43 4.10
N ASN A 233 14.71 14.23 4.26
CA ASN A 233 14.51 15.67 4.40
C ASN A 233 13.91 16.27 3.13
N GLN A 234 14.47 15.91 1.97
CA GLN A 234 13.98 16.48 0.72
C GLN A 234 12.54 16.08 0.43
N SER A 235 12.17 14.85 0.81
CA SER A 235 10.82 14.35 0.57
C SER A 235 9.80 14.94 1.52
N TYR A 236 10.22 15.39 2.70
CA TYR A 236 9.32 15.88 3.75
C TYR A 236 9.87 17.20 4.28
N PRO A 237 9.69 18.29 3.53
CA PRO A 237 10.18 19.59 3.98
C PRO A 237 9.42 20.18 5.16
N LEU A 238 8.26 19.63 5.52
CA LEU A 238 7.48 20.14 6.65
C LEU A 238 7.61 19.26 7.89
N ALA A 239 8.52 18.30 7.90
CA ALA A 239 8.58 17.34 8.99
C ALA A 239 8.79 18.05 10.32
N SER A 240 8.16 17.51 11.37
CA SER A 240 8.33 18.02 12.72
C SER A 240 9.53 17.32 13.34
N LYS A 241 10.63 18.05 13.51
CA LYS A 241 11.85 17.47 14.03
C LYS A 241 12.65 18.55 14.75
N SER A 242 13.51 18.11 15.67
CA SER A 242 14.33 19.04 16.42
C SER A 242 15.36 19.69 15.50
N ALA A 243 15.56 21.00 15.68
CA ALA A 243 16.51 21.72 14.84
C ALA A 243 17.95 21.32 15.15
N ASP A 244 18.21 20.85 16.37
CA ASP A 244 19.58 20.52 16.77
C ASP A 244 19.98 19.12 16.29
N THR A 245 19.14 18.12 16.56
CA THR A 245 19.49 16.74 16.27
C THR A 245 18.94 16.24 14.93
N LYS A 246 17.96 16.93 14.36
CA LYS A 246 17.32 16.55 13.10
C LYS A 246 16.44 15.30 13.25
N GLN A 247 16.16 14.85 14.46
CA GLN A 247 15.29 13.71 14.68
C GLN A 247 13.83 14.15 14.78
N LEU A 248 12.93 13.28 14.31
CA LEU A 248 11.50 13.56 14.37
C LEU A 248 11.04 13.73 15.81
N LEU A 249 10.15 14.70 16.03
CA LEU A 249 9.55 14.87 17.35
C LEU A 249 8.65 13.67 17.66
N CYS A 250 8.67 13.23 18.91
CA CYS A 250 7.86 12.11 19.35
C CYS A 250 7.17 12.46 20.66
N GLY A 251 5.93 12.01 20.79
CA GLY A 251 5.15 12.18 21.99
C GLY A 251 4.70 10.86 22.57
N ALA A 252 4.30 10.86 23.84
CA ALA A 252 3.87 9.63 24.51
C ALA A 252 2.95 10.00 25.66
N ALA A 253 2.01 9.10 25.94
CA ALA A 253 1.06 9.28 27.02
C ALA A 253 1.46 8.42 28.21
N ILE A 254 1.18 8.95 29.42
CA ILE A 254 1.41 8.21 30.66
C ILE A 254 0.22 8.46 31.59
N GLY A 255 0.05 7.57 32.54
CA GLY A 255 -0.86 7.79 33.65
C GLY A 255 -0.23 8.72 34.67
N THR A 256 -0.92 8.85 35.82
CA THR A 256 -0.47 9.73 36.89
C THR A 256 -0.21 8.99 38.19
N ILE A 257 -0.10 7.67 38.15
CA ILE A 257 0.17 6.90 39.36
C ILE A 257 1.68 6.81 39.55
N ASP A 258 2.10 6.19 40.65
CA ASP A 258 3.53 6.15 40.98
C ASP A 258 4.33 5.42 39.91
N ALA A 259 3.80 4.31 39.40
CA ALA A 259 4.57 3.49 38.48
C ALA A 259 4.96 4.25 37.21
N ASP A 260 4.19 5.27 36.84
CA ASP A 260 4.46 5.99 35.61
C ASP A 260 5.50 7.10 35.78
N ARG A 261 6.04 7.29 36.98
CA ARG A 261 7.20 8.17 37.12
C ARG A 261 8.45 7.51 36.58
N GLN A 262 8.65 6.23 36.91
CA GLN A 262 9.74 5.47 36.30
C GLN A 262 9.49 5.28 34.81
N ARG A 263 8.23 5.08 34.42
CA ARG A 263 7.91 4.94 33.01
C ARG A 263 8.35 6.16 32.22
N LEU A 264 8.02 7.35 32.72
CA LEU A 264 8.41 8.57 32.02
C LEU A 264 9.92 8.65 31.86
N ALA A 265 10.66 8.34 32.93
CA ALA A 265 12.12 8.40 32.86
C ALA A 265 12.65 7.56 31.71
N MET A 266 12.12 6.35 31.54
CA MET A 266 12.57 5.50 30.45
C MET A 266 12.17 6.07 29.09
N LEU A 267 11.00 6.69 29.01
CA LEU A 267 10.63 7.39 27.78
C LEU A 267 11.55 8.57 27.53
N VAL A 268 11.80 9.38 28.57
CA VAL A 268 12.71 10.50 28.45
C VAL A 268 14.06 10.03 27.91
N GLU A 269 14.52 8.92 28.45
CA GLU A 269 15.84 8.37 28.06
C GLU A 269 15.84 8.08 26.55
N ALA A 270 14.70 7.59 26.08
CA ALA A 270 14.56 7.19 24.68
C ALA A 270 14.42 8.38 23.74
N GLY A 271 14.42 9.60 24.25
CA GLY A 271 14.39 10.80 23.43
C GLY A 271 13.07 11.53 23.38
N LEU A 272 12.15 11.26 24.31
CA LEU A 272 10.81 11.85 24.25
C LEU A 272 10.88 13.37 24.32
N ASP A 273 10.13 14.04 23.44
CA ASP A 273 10.09 15.49 23.40
C ASP A 273 8.91 16.07 24.17
N VAL A 274 7.79 15.37 24.23
CA VAL A 274 6.58 15.87 24.87
C VAL A 274 5.81 14.68 25.44
N VAL A 275 5.30 14.86 26.66
CA VAL A 275 4.51 13.84 27.33
C VAL A 275 3.10 14.37 27.54
N VAL A 276 2.10 13.51 27.32
CA VAL A 276 0.70 13.84 27.56
C VAL A 276 0.24 13.03 28.76
N LEU A 277 -0.31 13.71 29.74
CA LEU A 277 -0.84 13.06 30.94
C LEU A 277 -2.24 12.56 30.64
N ASP A 278 -2.37 11.24 30.47
CA ASP A 278 -3.59 10.63 29.94
C ASP A 278 -4.60 10.44 31.06
N SER A 279 -5.60 11.30 31.14
CA SER A 279 -6.63 11.11 32.16
C SER A 279 -8.08 11.55 31.71
N SER A 280 -9.11 10.80 32.04
CA SER A 280 -10.48 11.24 31.63
C SER A 280 -10.85 12.62 32.33
N GLN A 281 -10.49 12.77 33.60
CA GLN A 281 -10.67 14.03 34.34
C GLN A 281 -9.33 14.46 34.99
N GLY A 282 -8.57 15.29 34.29
CA GLY A 282 -7.24 15.73 34.70
C GLY A 282 -7.05 16.64 35.97
N ASN A 283 -8.08 17.39 36.40
CA ASN A 283 -7.94 18.37 37.54
C ASN A 283 -7.97 17.56 38.84
N SER A 284 -6.88 16.85 39.11
CA SER A 284 -6.75 16.04 40.31
C SER A 284 -5.43 16.35 41.01
N VAL A 285 -5.39 16.05 42.31
CA VAL A 285 -4.16 16.21 43.07
C VAL A 285 -3.08 15.31 42.51
N PHE A 286 -3.45 14.11 42.06
CA PHE A 286 -2.46 13.16 41.55
C PHE A 286 -1.77 13.70 40.32
N GLN A 287 -2.52 14.35 39.42
CA GLN A 287 -1.92 14.87 38.20
C GLN A 287 -1.18 16.17 38.44
N ILE A 288 -1.70 17.03 39.33
CA ILE A 288 -0.99 18.26 39.67
C ILE A 288 0.40 17.94 40.19
N ASN A 289 0.50 17.04 41.16
CA ASN A 289 1.80 16.63 41.67
C ASN A 289 2.69 16.13 40.54
N MET A 290 2.12 15.39 39.58
CA MET A 290 2.91 14.88 38.47
C MET A 290 3.48 16.02 37.65
N ILE A 291 2.70 17.08 37.43
CA ILE A 291 3.17 18.20 36.62
C ILE A 291 4.30 18.93 37.32
N LYS A 292 4.12 19.25 38.60
CA LYS A 292 5.21 19.87 39.37
C LYS A 292 6.46 19.00 39.34
N TRP A 293 6.29 17.69 39.48
CA TRP A 293 7.43 16.78 39.56
C TRP A 293 8.17 16.68 38.23
N ILE A 294 7.44 16.82 37.11
CA ILE A 294 8.09 16.72 35.80
C ILE A 294 8.83 18.01 35.47
N LYS A 295 8.32 19.17 35.91
CA LYS A 295 8.98 20.42 35.57
C LYS A 295 10.35 20.55 36.22
N GLU A 296 10.53 20.01 37.43
CA GLU A 296 11.80 20.13 38.13
C GLU A 296 12.69 18.90 37.99
N THR A 297 12.16 17.77 37.54
CA THR A 297 12.94 16.56 37.35
C THR A 297 13.41 16.37 35.92
N PHE A 298 12.60 16.75 34.93
CA PHE A 298 12.99 16.75 33.52
C PHE A 298 12.59 18.09 32.92
N PRO A 299 13.28 19.17 33.29
CA PRO A 299 12.82 20.51 32.89
C PRO A 299 12.74 20.73 31.39
N ASP A 300 13.52 20.01 30.59
CA ASP A 300 13.47 20.20 29.15
C ASP A 300 12.33 19.44 28.48
N LEU A 301 11.49 18.74 29.25
CA LEU A 301 10.38 17.98 28.72
C LEU A 301 9.11 18.81 28.79
N GLN A 302 8.36 18.84 27.68
CA GLN A 302 7.13 19.61 27.60
C GLN A 302 5.96 18.74 28.06
N VAL A 303 5.09 19.32 28.89
CA VAL A 303 4.05 18.56 29.57
C VAL A 303 2.70 19.06 29.11
N ILE A 304 1.89 18.16 28.55
CA ILE A 304 0.51 18.44 28.19
C ILE A 304 -0.38 17.73 29.21
N ALA A 305 -1.17 18.49 29.94
CA ALA A 305 -2.08 17.96 30.94
C ALA A 305 -3.50 17.88 30.37
N GLY A 306 -4.32 17.03 30.98
CA GLY A 306 -5.68 16.88 30.54
C GLY A 306 -6.26 15.55 31.00
N ASN A 307 -7.51 15.30 30.58
CA ASN A 307 -8.32 16.24 29.81
C ASN A 307 -9.06 17.20 30.74
N VAL A 308 -9.35 18.40 30.23
CA VAL A 308 -10.13 19.39 30.97
C VAL A 308 -11.21 19.92 30.05
N VAL A 309 -12.29 20.41 30.64
CA VAL A 309 -13.38 21.00 29.88
C VAL A 309 -13.89 22.31 30.48
N THR A 310 -13.33 22.77 31.60
CA THR A 310 -13.81 23.99 32.24
C THR A 310 -12.65 24.95 32.49
N ARG A 311 -13.03 26.22 32.66
CA ARG A 311 -12.05 27.26 32.95
C ARG A 311 -11.33 26.99 34.27
N GLU A 312 -12.07 26.51 35.27
CA GLU A 312 -11.45 26.25 36.58
C GLU A 312 -10.43 25.12 36.49
N GLN A 313 -10.76 24.06 35.75
CA GLN A 313 -9.79 22.99 35.54
C GLN A 313 -8.51 23.52 34.88
N ALA A 314 -8.68 24.32 33.83
CA ALA A 314 -7.51 24.84 33.12
C ALA A 314 -6.63 25.67 34.05
N ALA A 315 -7.25 26.54 34.86
CA ALA A 315 -6.47 27.37 35.78
C ALA A 315 -5.65 26.50 36.72
N SER A 316 -6.24 25.42 37.25
CA SER A 316 -5.53 24.54 38.15
C SER A 316 -4.29 23.96 37.49
N LEU A 317 -4.45 23.35 36.32
CA LEU A 317 -3.34 22.64 35.68
C LEU A 317 -2.32 23.59 35.06
N ILE A 318 -2.74 24.80 34.68
CA ILE A 318 -1.77 25.81 34.27
C ILE A 318 -0.96 26.27 35.46
N HIS A 319 -1.63 26.54 36.58
CA HIS A 319 -0.92 26.96 37.79
C HIS A 319 0.07 25.91 38.24
N ALA A 320 -0.16 24.64 37.89
CA ALA A 320 0.78 23.59 38.21
C ALA A 320 2.01 23.62 37.30
N GLY A 321 1.92 24.29 36.16
CA GLY A 321 3.06 24.45 35.27
C GLY A 321 2.89 23.78 33.92
N ALA A 322 1.65 23.50 33.54
CA ALA A 322 1.39 22.82 32.28
C ALA A 322 1.89 23.65 31.10
N ASP A 323 2.48 22.98 30.12
CA ASP A 323 2.89 23.63 28.88
C ASP A 323 1.83 23.50 27.79
N GLY A 324 0.78 22.73 28.03
CA GLY A 324 -0.31 22.60 27.08
C GLY A 324 -1.47 21.89 27.74
N LEU A 325 -2.64 22.04 27.13
CA LEU A 325 -3.87 21.49 27.68
C LEU A 325 -4.58 20.65 26.63
N ARG A 326 -5.08 19.50 27.06
CA ARG A 326 -5.86 18.60 26.22
C ARG A 326 -7.32 18.75 26.59
N ILE A 327 -8.15 19.16 25.64
CA ILE A 327 -9.54 19.51 25.90
C ILE A 327 -10.45 18.41 25.36
N GLY A 328 -11.40 17.97 26.19
CA GLY A 328 -12.40 17.01 25.78
C GLY A 328 -12.76 16.02 26.88
N MET A 329 -14.06 15.79 27.08
CA MET A 329 -14.51 14.77 28.04
C MET A 329 -15.81 14.17 27.52
N GLY A 330 -15.70 13.00 26.89
CA GLY A 330 -16.85 12.28 26.41
C GLY A 330 -17.26 12.57 24.98
N SER A 331 -16.70 13.61 24.37
CA SER A 331 -17.06 13.95 23.00
C SER A 331 -16.44 13.02 21.97
N GLY A 332 -15.57 12.12 22.40
CA GLY A 332 -14.88 11.25 21.48
C GLY A 332 -15.71 10.14 20.77
N SER A 333 -15.29 9.63 19.59
CA SER A 333 -16.04 8.52 18.92
C SER A 333 -15.84 7.28 19.85
N ILE A 334 -16.84 6.42 20.02
CA ILE A 334 -16.76 5.28 20.95
C ILE A 334 -16.37 5.68 22.40
N CYS A 335 -16.90 6.81 22.95
CA CYS A 335 -16.69 7.30 24.35
C CYS A 335 -18.04 7.49 25.08
N ILE A 336 -18.20 6.89 26.25
CA ILE A 336 -19.49 6.95 27.01
C ILE A 336 -19.38 7.60 28.40
N THR A 337 -18.29 8.30 28.70
CA THR A 337 -18.19 8.86 30.03
C THR A 337 -19.40 9.70 30.38
N GLN A 338 -20.02 10.36 29.39
CA GLN A 338 -21.16 11.23 29.67
C GLN A 338 -22.39 10.41 30.04
N GLU A 339 -22.58 9.25 29.41
CA GLU A 339 -23.69 8.38 29.77
C GLU A 339 -23.42 7.66 31.09
N VAL A 340 -22.17 7.30 31.35
CA VAL A 340 -21.85 6.48 32.51
C VAL A 340 -21.57 7.35 33.74
N MET A 341 -20.89 8.47 33.56
CA MET A 341 -20.54 9.36 34.68
C MET A 341 -21.44 10.58 34.78
N ALA A 342 -22.33 10.80 33.81
CA ALA A 342 -23.15 12.00 33.73
C ALA A 342 -22.31 13.26 33.67
N CYS A 343 -21.00 13.13 33.40
CA CYS A 343 -20.06 14.22 33.55
C CYS A 343 -19.31 14.41 32.24
N GLY A 344 -19.28 15.64 31.76
CA GLY A 344 -18.63 15.94 30.48
C GLY A 344 -19.03 17.33 30.02
N ARG A 345 -18.88 17.57 28.72
CA ARG A 345 -19.27 18.86 28.19
C ARG A 345 -19.31 18.83 26.67
N PRO A 346 -20.27 19.51 26.03
CA PRO A 346 -20.21 19.68 24.58
C PRO A 346 -18.87 20.27 24.15
N GLN A 347 -18.29 19.70 23.10
CA GLN A 347 -16.89 19.94 22.80
C GLN A 347 -16.65 21.38 22.38
N GLY A 348 -17.49 21.91 21.48
CA GLY A 348 -17.32 23.29 21.07
C GLY A 348 -17.29 24.26 22.24
N THR A 349 -18.21 24.09 23.19
CA THR A 349 -18.24 24.97 24.35
C THR A 349 -17.04 24.76 25.26
N ALA A 350 -16.54 23.54 25.36
CA ALA A 350 -15.35 23.30 26.17
C ALA A 350 -14.13 23.98 25.57
N VAL A 351 -13.95 23.87 24.25
CA VAL A 351 -12.79 24.47 23.60
C VAL A 351 -12.80 25.98 23.81
N TYR A 352 -13.94 26.62 23.55
CA TYR A 352 -13.98 28.08 23.63
C TYR A 352 -13.64 28.56 25.03
N ASN A 353 -14.25 27.97 26.05
CA ASN A 353 -14.11 28.51 27.40
C ASN A 353 -12.79 28.13 28.06
N VAL A 354 -12.18 27.02 27.65
CA VAL A 354 -10.83 26.72 28.13
C VAL A 354 -9.81 27.60 27.42
N THR A 355 -9.90 27.69 26.09
CA THR A 355 -8.90 28.42 25.32
C THR A 355 -9.01 29.92 25.54
N GLN A 356 -10.22 30.44 25.74
CA GLN A 356 -10.34 31.86 26.07
C GLN A 356 -9.53 32.20 27.31
N PHE A 357 -9.41 31.26 28.25
CA PHE A 357 -8.59 31.42 29.44
C PHE A 357 -7.15 30.99 29.21
N ALA A 358 -6.96 29.81 28.60
CA ALA A 358 -5.62 29.26 28.45
C ALA A 358 -4.75 30.12 27.54
N ASN A 359 -5.30 30.60 26.43
CA ASN A 359 -4.52 31.40 25.49
C ASN A 359 -3.97 32.66 26.15
N GLN A 360 -4.71 33.25 27.09
CA GLN A 360 -4.20 34.43 27.79
C GLN A 360 -2.87 34.15 28.47
N PHE A 361 -2.62 32.90 28.85
CA PHE A 361 -1.37 32.49 29.47
C PHE A 361 -0.42 31.84 28.46
N GLY A 362 -0.73 31.91 27.17
CA GLY A 362 0.14 31.31 26.17
C GLY A 362 0.26 29.81 26.27
N VAL A 363 -0.77 29.13 26.77
CA VAL A 363 -0.76 27.69 26.89
C VAL A 363 -1.56 27.11 25.73
N PRO A 364 -0.92 26.59 24.68
CA PRO A 364 -1.69 25.98 23.58
C PRO A 364 -2.59 24.88 24.09
N CYS A 365 -3.68 24.64 23.35
CA CYS A 365 -4.66 23.64 23.72
C CYS A 365 -4.92 22.70 22.54
N ILE A 366 -4.96 21.41 22.83
CA ILE A 366 -5.39 20.40 21.87
C ILE A 366 -6.89 20.24 21.99
N ALA A 367 -7.61 20.40 20.88
CA ALA A 367 -9.03 20.06 20.82
C ALA A 367 -9.14 18.56 20.56
N ASP A 368 -9.50 17.81 21.60
CA ASP A 368 -9.49 16.35 21.56
C ASP A 368 -10.90 15.80 21.56
N GLY A 369 -11.21 14.96 20.58
CA GLY A 369 -12.49 14.26 20.55
C GLY A 369 -13.52 14.92 19.67
N GLY A 370 -14.33 14.11 18.98
CA GLY A 370 -15.43 14.62 18.18
C GLY A 370 -15.05 15.12 16.80
N VAL A 371 -13.81 14.90 16.37
CA VAL A 371 -13.33 15.39 15.08
C VAL A 371 -13.39 14.26 14.07
N GLN A 372 -14.12 14.47 12.98
CA GLN A 372 -14.26 13.47 11.93
C GLN A 372 -14.03 13.99 10.53
N ASN A 373 -13.84 15.30 10.33
CA ASN A 373 -13.68 15.86 9.00
C ASN A 373 -13.02 17.23 9.11
N ILE A 374 -12.72 17.81 7.95
CA ILE A 374 -11.96 19.06 7.90
C ILE A 374 -12.74 20.18 8.58
N GLY A 375 -14.07 20.17 8.45
CA GLY A 375 -14.85 21.24 9.04
C GLY A 375 -14.74 21.30 10.55
N HIS A 376 -14.66 20.14 11.20
CA HIS A 376 -14.48 20.11 12.64
C HIS A 376 -13.13 20.71 13.05
N ILE A 377 -12.10 20.42 12.27
CA ILE A 377 -10.78 21.00 12.54
C ILE A 377 -10.86 22.52 12.47
N THR A 378 -11.42 23.05 11.37
CA THR A 378 -11.57 24.49 11.23
C THR A 378 -12.31 25.08 12.43
N LYS A 379 -13.45 24.49 12.78
CA LYS A 379 -14.25 25.03 13.87
C LYS A 379 -13.50 24.93 15.20
N ALA A 380 -12.83 23.80 15.45
CA ALA A 380 -12.08 23.65 16.68
C ALA A 380 -11.07 24.79 16.84
N ILE A 381 -10.33 25.10 15.76
CA ILE A 381 -9.36 26.19 15.81
C ILE A 381 -10.07 27.53 15.92
N ALA A 382 -11.17 27.71 15.19
CA ALA A 382 -11.90 28.97 15.25
C ALA A 382 -12.29 29.32 16.69
N LEU A 383 -12.57 28.33 17.51
CA LEU A 383 -13.00 28.56 18.89
C LEU A 383 -11.84 28.73 19.86
N GLY A 384 -10.60 28.55 19.42
CA GLY A 384 -9.46 28.83 20.26
C GLY A 384 -8.40 27.74 20.32
N ALA A 385 -8.74 26.54 19.86
CA ALA A 385 -7.78 25.45 19.87
C ALA A 385 -6.55 25.80 19.02
N SER A 386 -5.39 25.29 19.45
CA SER A 386 -4.15 25.42 18.70
C SER A 386 -3.84 24.21 17.84
N THR A 387 -4.20 23.00 18.30
CA THR A 387 -4.11 21.80 17.49
C THR A 387 -5.36 20.97 17.73
N VAL A 388 -5.54 19.93 16.92
CA VAL A 388 -6.66 19.02 17.08
C VAL A 388 -6.12 17.59 17.11
N MET A 389 -6.67 16.79 18.02
CA MET A 389 -6.30 15.39 18.16
C MET A 389 -7.28 14.52 17.39
N MET A 390 -6.76 13.50 16.72
CA MET A 390 -7.58 12.64 15.87
C MET A 390 -7.36 11.19 16.25
N GLY A 391 -8.46 10.48 16.50
CA GLY A 391 -8.41 9.07 16.83
C GLY A 391 -9.09 8.21 15.80
N GLY A 392 -10.43 8.20 15.82
CA GLY A 392 -11.17 7.41 14.85
C GLY A 392 -10.88 7.76 13.42
N MET A 393 -10.59 9.04 13.15
CA MET A 393 -10.25 9.45 11.78
C MET A 393 -9.06 8.67 11.25
N LEU A 394 -8.03 8.48 12.08
CA LEU A 394 -6.79 7.86 11.63
C LEU A 394 -6.75 6.36 11.88
N ALA A 395 -7.59 5.85 12.78
CA ALA A 395 -7.76 4.41 12.88
C ALA A 395 -8.27 3.88 11.55
N GLY A 396 -7.77 2.72 11.15
CA GLY A 396 -8.10 2.17 9.85
C GLY A 396 -7.13 2.54 8.75
N THR A 397 -6.28 3.54 8.96
CA THR A 397 -5.23 3.82 8.00
C THR A 397 -4.16 2.74 8.08
N THR A 398 -3.30 2.70 7.05
CA THR A 398 -2.26 1.68 7.00
C THR A 398 -1.24 1.85 8.11
N GLU A 399 -0.93 3.09 8.49
CA GLU A 399 0.07 3.34 9.52
C GLU A 399 -0.42 3.04 10.92
N SER A 400 -1.73 3.07 11.15
CA SER A 400 -2.25 2.72 12.46
C SER A 400 -1.94 1.25 12.76
N PRO A 401 -1.69 0.90 14.02
CA PRO A 401 -1.28 -0.47 14.31
C PRO A 401 -2.47 -1.40 14.33
N GLY A 402 -2.31 -2.56 13.71
CA GLY A 402 -3.33 -3.58 13.76
C GLY A 402 -3.38 -4.38 12.48
N GLU A 403 -4.39 -5.25 12.42
CA GLU A 403 -4.65 -6.10 11.28
C GLU A 403 -6.09 -5.86 10.82
N TYR A 404 -6.29 -5.88 9.50
CA TYR A 404 -7.62 -5.68 8.95
C TYR A 404 -8.44 -6.97 9.02
N PHE A 405 -9.75 -6.82 8.88
CA PHE A 405 -10.66 -7.97 8.84
C PHE A 405 -11.94 -7.60 8.10
N ARG A 407 -16.44 -7.57 8.09
CA ARG A 407 -17.89 -7.77 8.12
C ARG A 407 -18.56 -7.02 6.98
N ARG A 411 -13.23 -3.52 4.36
CA ARG A 411 -12.09 -3.60 5.26
C ARG A 411 -12.33 -2.80 6.52
N LEU A 412 -12.17 -3.44 7.67
CA LEU A 412 -12.40 -2.80 8.96
C LEU A 412 -11.24 -3.10 9.91
N LYS A 413 -11.01 -2.19 10.85
CA LYS A 413 -10.01 -2.41 11.92
C LYS A 413 -10.77 -2.33 13.30
N THR A 414 -10.48 -3.18 14.30
CA THR A 414 -11.16 -3.05 15.61
C THR A 414 -10.69 -1.68 16.20
N TYR A 415 -11.59 -0.90 16.80
CA TYR A 415 -11.30 0.41 17.45
C TYR A 415 -11.73 0.39 18.93
N ARG A 416 -10.88 0.85 19.85
CA ARG A 416 -11.23 0.79 21.27
C ARG A 416 -11.06 2.13 21.98
N GLY A 419 -10.15 2.59 26.03
CA GLY A 419 -10.43 2.77 27.44
C GLY A 419 -11.64 1.98 27.91
N SER A 420 -11.96 0.90 27.19
CA SER A 420 -13.04 0.01 27.56
C SER A 420 -12.52 -1.08 28.49
N ILE A 421 -13.42 -1.99 28.88
CA ILE A 421 -13.01 -3.11 29.72
C ILE A 421 -11.91 -3.91 29.02
N ASP A 422 -11.94 -4.00 27.69
CA ASP A 422 -10.90 -4.69 26.96
C ASP A 422 -9.54 -4.03 27.17
N ALA A 423 -9.47 -2.72 26.96
CA ALA A 423 -8.22 -1.99 27.09
C ALA A 423 -7.65 -2.10 28.51
N ALA A 448 -16.72 0.78 33.12
CA ALA A 448 -16.22 1.03 31.77
C ALA A 448 -16.68 2.40 31.26
N GLN A 449 -15.72 3.20 30.79
CA GLN A 449 -16.00 4.53 30.26
C GLN A 449 -15.85 4.60 28.75
N GLY A 450 -15.76 3.46 28.08
CA GLY A 450 -15.65 3.43 26.63
C GLY A 450 -16.21 2.13 26.08
N VAL A 451 -16.14 1.99 24.76
CA VAL A 451 -16.64 0.81 24.07
C VAL A 451 -15.60 0.32 23.08
N THR A 452 -15.77 -0.93 22.65
CA THR A 452 -14.99 -1.49 21.56
C THR A 452 -15.81 -1.41 20.27
N GLY A 453 -15.13 -1.09 19.17
CA GLY A 453 -15.83 -0.94 17.90
C GLY A 453 -15.00 -1.31 16.70
N SER A 454 -15.33 -0.75 15.54
CA SER A 454 -14.60 -1.02 14.31
C SER A 454 -14.75 0.19 13.39
N VAL A 455 -13.68 0.49 12.65
CA VAL A 455 -13.66 1.58 11.68
C VAL A 455 -13.28 1.02 10.32
N ILE A 456 -13.55 1.78 9.26
CA ILE A 456 -13.25 1.29 7.88
C ILE A 456 -11.82 1.53 7.44
N ASP A 457 -11.35 0.79 6.42
CA ASP A 457 -9.96 1.06 5.95
C ASP A 457 -9.95 2.47 5.33
N LYS A 458 -8.84 3.20 5.43
CA LYS A 458 -8.70 4.56 4.83
C LYS A 458 -7.42 4.78 3.97
N GLY A 459 -6.61 3.78 3.76
CA GLY A 459 -5.38 4.02 3.04
C GLY A 459 -4.32 4.63 3.93
N SER A 460 -3.25 5.10 3.27
CA SER A 460 -2.10 5.65 3.98
C SER A 460 -2.29 7.12 4.29
N ILE A 461 -1.77 7.54 5.45
CA ILE A 461 -1.82 8.96 5.80
C ILE A 461 -0.85 9.78 4.97
N LYS A 462 0.06 9.14 4.24
CA LYS A 462 0.92 9.88 3.32
C LYS A 462 0.11 10.59 2.26
N LYS A 463 -1.12 10.15 2.01
CA LYS A 463 -2.09 10.88 1.19
C LYS A 463 -3.16 11.58 2.00
N TYR A 464 -3.56 11.00 3.14
CA TYR A 464 -4.70 11.52 3.88
C TYR A 464 -4.36 12.81 4.63
N ILE A 465 -3.15 12.91 5.18
CA ILE A 465 -2.77 14.09 5.95
C ILE A 465 -2.62 15.27 5.00
N PRO A 466 -1.89 15.14 3.88
CA PRO A 466 -1.84 16.25 2.92
C PRO A 466 -3.21 16.71 2.47
N TYR A 467 -4.20 15.80 2.45
CA TYR A 467 -5.56 16.17 2.08
C TYR A 467 -6.20 17.06 3.14
N LEU A 468 -6.09 16.67 4.42
CA LEU A 468 -6.59 17.53 5.48
C LEU A 468 -5.87 18.86 5.50
N TYR A 469 -4.54 18.83 5.29
CA TYR A 469 -3.74 20.06 5.26
C TYR A 469 -4.24 20.99 4.15
N ASN A 470 -4.31 20.47 2.92
CA ASN A 470 -4.80 21.27 1.81
C ASN A 470 -6.22 21.74 2.08
N GLY A 471 -7.05 20.88 2.66
CA GLY A 471 -8.42 21.26 2.94
C GLY A 471 -8.51 22.41 3.91
N LEU A 472 -7.67 22.40 4.95
CA LEU A 472 -7.68 23.49 5.92
C LEU A 472 -7.20 24.79 5.28
N GLN A 473 -6.27 24.71 4.32
CA GLN A 473 -5.83 25.90 3.60
C GLN A 473 -6.98 26.55 2.85
N HIS A 474 -7.76 25.75 2.11
CA HIS A 474 -8.87 26.30 1.35
C HIS A 474 -9.91 26.93 2.26
N SER A 475 -10.17 26.30 3.41
CA SER A 475 -11.16 26.83 4.34
C SER A 475 -10.69 28.14 4.96
N CYS A 476 -9.40 28.26 5.24
CA CYS A 476 -8.84 29.53 5.69
C CYS A 476 -8.96 30.60 4.61
N GLN A 477 -8.84 30.20 3.34
CA GLN A 477 -9.03 31.16 2.24
C GLN A 477 -10.49 31.62 2.20
N ASP A 478 -11.44 30.69 2.20
CA ASP A 478 -12.86 31.05 2.21
C ASP A 478 -13.18 32.01 3.33
N ILE A 479 -12.52 31.88 4.47
CA ILE A 479 -12.77 32.76 5.61
C ILE A 479 -12.04 34.09 5.47
N GLY A 480 -10.95 34.13 4.72
CA GLY A 480 -10.19 35.34 4.51
C GLY A 480 -9.00 35.53 5.42
N VAL A 481 -8.42 34.44 5.94
CA VAL A 481 -7.27 34.52 6.84
C VAL A 481 -6.09 33.83 6.18
N ARG A 482 -4.91 34.43 6.30
CA ARG A 482 -3.70 33.93 5.66
C ARG A 482 -2.94 32.92 6.52
N SER A 483 -3.35 32.74 7.78
CA SER A 483 -2.66 31.82 8.68
C SER A 483 -3.57 31.53 9.86
N LEU A 484 -3.28 30.42 10.54
CA LEU A 484 -4.00 30.11 11.77
C LEU A 484 -3.75 31.15 12.85
N VAL A 485 -2.53 31.70 12.86
CA VAL A 485 -2.25 32.78 13.84
C VAL A 485 -3.17 34.01 13.46
N GLU A 486 -3.21 34.35 12.22
CA GLU A 486 -4.14 35.43 11.83
C GLU A 486 -5.61 34.95 12.09
N PHE A 487 -5.87 33.69 11.97
CA PHE A 487 -7.23 33.18 12.19
C PHE A 487 -7.67 33.50 13.65
N ARG A 488 -6.77 33.20 14.57
CA ARG A 488 -7.04 33.41 16.01
C ARG A 488 -7.28 34.91 16.31
N GLU A 489 -6.49 35.77 15.69
CA GLU A 489 -6.61 37.25 15.95
C GLU A 489 -7.95 37.80 15.39
N LYS A 490 -8.29 37.36 14.19
CA LYS A 490 -9.49 37.86 13.53
C LYS A 490 -10.76 37.38 14.23
N VAL A 491 -10.72 36.23 14.90
CA VAL A 491 -11.86 35.79 15.68
C VAL A 491 -12.00 36.63 16.94
N ASP A 492 -10.91 36.79 17.69
CA ASP A 492 -10.99 37.51 18.96
C ASP A 492 -11.36 38.98 18.77
N SER A 493 -11.07 39.53 17.61
CA SER A 493 -11.39 40.93 17.31
C SER A 493 -12.81 41.11 16.80
N GLY A 494 -13.55 40.02 16.60
CA GLY A 494 -14.90 40.12 16.05
C GLY A 494 -14.96 40.23 14.54
N SER A 495 -13.81 40.17 13.85
CA SER A 495 -13.81 40.22 12.40
C SER A 495 -14.51 38.99 11.82
N VAL A 496 -14.03 37.80 12.18
CA VAL A 496 -14.66 36.57 11.73
C VAL A 496 -16.03 36.44 12.38
N ARG A 497 -17.01 35.96 11.62
CA ARG A 497 -18.39 35.89 12.07
C ARG A 497 -18.89 34.45 11.97
N PHE A 498 -19.94 34.18 12.75
CA PHE A 498 -20.50 32.84 12.89
C PHE A 498 -22.01 32.91 12.74
N GLU A 499 -22.59 31.72 12.63
CA GLU A 499 -24.07 31.59 12.56
C GLU A 499 -24.57 30.34 13.35
N PHE A 500 -25.57 30.44 14.26
CA PHE A 500 -26.09 29.26 14.96
C PHE A 500 -26.63 28.17 13.99
N ARG A 501 -26.45 26.89 14.29
CA ARG A 501 -27.01 25.86 13.38
C ARG A 501 -28.26 25.13 13.90
N THR A 502 -29.38 25.40 13.23
CA THR A 502 -30.67 24.78 13.46
C THR A 502 -30.51 23.35 12.93
N PRO A 503 -31.17 22.38 13.55
CA PRO A 503 -31.08 21.00 13.02
C PRO A 503 -31.42 20.88 11.55
N SER A 504 -32.22 21.81 10.99
CA SER A 504 -32.61 21.72 9.59
C SER A 504 -31.50 22.20 8.67
N ALA A 505 -30.69 23.17 9.11
CA ALA A 505 -29.61 23.68 8.26
C ALA A 505 -28.44 22.71 8.20
N GLN A 506 -28.27 21.87 9.23
CA GLN A 506 -27.24 20.84 9.18
C GLN A 506 -27.51 19.83 8.07
N LEU A 507 -28.79 19.61 7.74
CA LEU A 507 -29.13 18.72 6.63
C LEU A 507 -28.80 19.37 5.29
N GLU A 508 -29.00 20.69 5.18
CA GLU A 508 -28.62 21.40 3.96
C GLU A 508 -27.11 21.36 3.76
N GLY A 509 -26.34 21.59 4.83
CA GLY A 509 -24.90 21.66 4.71
C GLY A 509 -24.26 20.39 4.18
N GLY A 510 -24.91 19.25 4.41
CA GLY A 510 -24.48 17.99 3.87
C GLY A 510 -25.28 17.60 2.64
N VAL A 511 -25.26 16.31 2.35
CA VAL A 511 -26.04 15.76 1.24
C VAL A 511 -27.48 15.60 1.67
N HIS A 512 -28.42 15.88 0.76
CA HIS A 512 -29.83 15.73 1.07
C HIS A 512 -30.63 15.62 -0.23
N ASN A 513 -31.78 14.96 -0.13
CA ASN A 513 -32.72 14.83 -1.25
C ASN A 513 -32.08 14.11 -2.44
N LEU A 514 -31.49 12.95 -2.16
CA LEU A 514 -30.80 12.16 -3.18
C LEU A 514 -31.07 10.68 -2.95
N HIS A 515 -31.08 9.92 -4.04
CA HIS A 515 -31.28 8.47 -3.95
C HIS A 515 -30.05 7.77 -3.38
N SER A 516 -28.86 8.19 -3.82
CA SER A 516 -27.61 7.64 -3.30
C SER A 516 -26.50 8.64 -3.61
N TYR A 517 -25.35 8.42 -2.97
CA TYR A 517 -24.19 9.28 -3.16
C TYR A 517 -22.93 8.48 -2.88
N GLU A 518 -21.99 8.52 -3.83
CA GLU A 518 -20.72 7.81 -3.68
C GLU A 518 -19.55 8.79 -3.69
N LEU A 521 -14.80 12.46 -1.73
CA LEU A 521 -13.87 13.24 -0.94
C LEU A 521 -12.49 13.27 -1.59
N PHE A 522 -11.78 12.14 -1.52
CA PHE A 522 -10.44 12.04 -2.07
C PHE A 522 -10.32 10.74 -2.86
N ASP A 523 -9.30 10.70 -3.73
CA ASP A 523 -9.02 9.51 -4.53
C ASP A 523 -10.23 9.12 -5.37
N THR B 3 -20.46 -60.47 17.99
CA THR B 3 -19.03 -60.14 17.91
C THR B 3 -18.75 -59.22 16.71
N TYR B 4 -17.54 -58.69 16.65
CA TYR B 4 -17.15 -57.72 15.65
C TYR B 4 -16.04 -58.29 14.78
N ARG B 5 -15.65 -57.52 13.76
CA ARG B 5 -14.55 -57.88 12.88
C ARG B 5 -13.23 -57.41 13.47
N ASP B 6 -12.18 -58.20 13.21
CA ASP B 6 -10.85 -57.84 13.66
C ASP B 6 -10.36 -56.61 12.88
N ALA B 7 -9.79 -55.64 13.61
CA ALA B 7 -9.27 -54.45 12.96
C ALA B 7 -8.18 -54.79 11.94
N ALA B 8 -7.51 -55.93 12.11
CA ALA B 8 -6.49 -56.33 11.15
C ALA B 8 -7.06 -56.48 9.75
N THR B 9 -8.35 -56.79 9.64
CA THR B 9 -8.99 -57.05 8.36
C THR B 9 -9.70 -55.83 7.79
N ALA B 10 -9.53 -54.66 8.41
CA ALA B 10 -10.25 -53.47 7.95
C ALA B 10 -9.94 -53.18 6.49
N LEU B 11 -8.66 -53.14 6.13
CA LEU B 11 -8.29 -52.86 4.74
C LEU B 11 -8.64 -54.02 3.83
N GLU B 12 -8.43 -55.26 4.28
CA GLU B 12 -8.91 -56.40 3.51
C GLU B 12 -10.40 -56.26 3.20
N HIS B 13 -11.18 -55.74 4.16
CA HIS B 13 -12.62 -55.72 4.00
C HIS B 13 -13.07 -54.70 2.97
N LEU B 14 -12.29 -53.63 2.76
CA LEU B 14 -12.64 -52.65 1.74
C LEU B 14 -12.90 -53.31 0.39
N ALA B 15 -12.28 -54.47 0.15
CA ALA B 15 -12.43 -55.14 -1.14
C ALA B 15 -13.88 -55.53 -1.40
N THR B 16 -14.59 -55.97 -0.36
CA THR B 16 -15.92 -56.54 -0.54
C THR B 16 -16.92 -55.55 -1.11
N TYR B 17 -16.60 -54.26 -1.12
CA TYR B 17 -17.49 -53.25 -1.67
C TYR B 17 -17.28 -53.10 -3.17
N ALA B 18 -18.38 -52.93 -3.91
CA ALA B 18 -18.31 -52.85 -5.36
C ALA B 18 -17.45 -51.67 -5.81
N GLU B 19 -17.92 -50.45 -5.53
CA GLU B 19 -17.25 -49.23 -5.97
C GLU B 19 -16.73 -48.46 -4.77
N LYS B 20 -15.65 -47.72 -4.99
CA LYS B 20 -15.10 -46.84 -3.96
C LYS B 20 -16.17 -45.89 -3.44
N ASP B 21 -15.98 -45.42 -2.21
CA ASP B 21 -16.95 -44.53 -1.59
C ASP B 21 -17.01 -43.21 -2.36
N GLY B 22 -18.22 -42.79 -2.71
CA GLY B 22 -18.42 -41.57 -3.47
C GLY B 22 -18.70 -41.83 -4.94
N LEU B 23 -18.50 -40.79 -5.74
CA LEU B 23 -18.71 -40.85 -7.17
C LEU B 23 -17.40 -40.63 -7.90
N SER B 24 -17.22 -41.34 -9.02
CA SER B 24 -16.21 -40.93 -9.98
C SER B 24 -16.70 -39.68 -10.71
N VAL B 25 -15.77 -39.01 -11.41
CA VAL B 25 -16.14 -37.78 -12.11
C VAL B 25 -17.20 -38.07 -13.16
N GLU B 26 -17.12 -39.23 -13.82
CA GLU B 26 -18.10 -39.56 -14.85
C GLU B 26 -19.49 -39.73 -14.23
N GLN B 27 -19.57 -40.47 -13.12
CA GLN B 27 -20.86 -40.62 -12.44
C GLN B 27 -21.42 -39.27 -12.01
N LEU B 28 -20.54 -38.40 -11.58
CA LEU B 28 -20.94 -37.04 -11.13
C LEU B 28 -21.56 -36.13 -12.29
N MET B 29 -20.98 -36.16 -13.52
CA MET B 29 -21.37 -35.30 -14.70
C MET B 29 -22.36 -35.86 -15.77
N ASP B 30 -23.03 -36.98 -15.56
CA ASP B 30 -23.92 -37.41 -16.66
C ASP B 30 -25.07 -36.35 -16.82
N SER B 31 -25.37 -35.85 -18.04
CA SER B 31 -26.45 -34.81 -18.22
C SER B 31 -27.92 -35.35 -17.94
N LYS B 32 -28.26 -36.59 -18.35
CA LYS B 32 -29.68 -37.06 -18.19
C LYS B 32 -30.21 -37.12 -16.70
N THR B 33 -29.40 -37.68 -15.75
CA THR B 33 -29.86 -37.85 -14.32
C THR B 33 -29.48 -36.59 -13.45
N ARG B 34 -28.17 -36.22 -13.39
CA ARG B 34 -27.75 -35.05 -12.53
C ARG B 34 -28.30 -33.66 -13.03
N GLY B 35 -28.31 -33.45 -14.36
CA GLY B 35 -28.71 -32.19 -14.97
C GLY B 35 -27.53 -31.20 -14.99
N GLY B 36 -27.72 -29.97 -15.43
CA GLY B 36 -26.60 -29.04 -15.43
C GLY B 36 -26.23 -28.69 -14.01
N LEU B 37 -24.95 -28.78 -13.67
CA LEU B 37 -24.46 -28.49 -12.28
C LEU B 37 -23.24 -27.58 -12.26
N THR B 38 -23.04 -26.87 -11.16
CA THR B 38 -21.91 -25.97 -11.08
C THR B 38 -21.05 -26.26 -9.86
N TYR B 39 -20.11 -25.34 -9.57
CA TYR B 39 -19.08 -25.62 -8.56
C TYR B 39 -19.68 -25.88 -7.19
N ASN B 40 -20.69 -25.12 -6.81
CA ASN B 40 -21.27 -25.25 -5.48
C ASN B 40 -22.14 -26.49 -5.32
N ASP B 41 -22.36 -27.27 -6.38
CA ASP B 41 -23.23 -28.44 -6.29
C ASP B 41 -22.49 -29.72 -5.95
N PHE B 42 -21.17 -29.66 -5.73
CA PHE B 42 -20.44 -30.89 -5.44
C PHE B 42 -19.20 -30.55 -4.60
N LEU B 43 -18.68 -31.60 -3.97
CA LEU B 43 -17.43 -31.53 -3.23
C LEU B 43 -16.51 -32.63 -3.74
N VAL B 44 -15.21 -32.45 -3.50
CA VAL B 44 -14.23 -33.51 -3.70
C VAL B 44 -14.00 -34.18 -2.36
N LEU B 45 -14.00 -35.51 -2.35
CA LEU B 45 -13.78 -36.21 -1.10
C LEU B 45 -12.28 -36.29 -0.80
N PRO B 46 -11.90 -36.29 0.48
CA PRO B 46 -10.48 -36.35 0.82
C PRO B 46 -9.93 -37.76 0.62
N GLY B 47 -8.62 -37.83 0.46
CA GLY B 47 -7.92 -39.10 0.30
C GLY B 47 -6.98 -39.38 1.45
N LYS B 48 -5.73 -39.71 1.12
CA LYS B 48 -4.70 -40.01 2.11
C LYS B 48 -3.56 -38.99 2.00
N ILE B 49 -3.10 -38.51 3.14
CA ILE B 49 -2.00 -37.54 3.22
C ILE B 49 -0.74 -38.30 3.61
N ASP B 50 0.31 -38.18 2.80
CA ASP B 50 1.61 -38.72 3.17
C ASP B 50 2.72 -37.81 2.66
N PHE B 51 2.49 -36.50 2.72
CA PHE B 51 3.44 -35.49 2.26
C PHE B 51 3.00 -34.13 2.77
N PRO B 52 3.92 -33.18 2.97
CA PRO B 52 3.51 -31.83 3.38
C PRO B 52 2.95 -31.04 2.22
N SER B 53 2.13 -30.04 2.56
CA SER B 53 1.48 -29.25 1.53
C SER B 53 2.48 -28.40 0.75
N SER B 54 3.60 -28.03 1.39
CA SER B 54 4.65 -27.29 0.67
C SER B 54 5.21 -28.11 -0.49
N GLU B 55 5.06 -29.42 -0.46
CA GLU B 55 5.54 -30.31 -1.50
C GLU B 55 4.67 -30.31 -2.75
N VAL B 56 3.53 -29.63 -2.71
CA VAL B 56 2.58 -29.68 -3.82
C VAL B 56 3.04 -28.74 -4.92
N VAL B 57 3.09 -29.24 -6.15
CA VAL B 57 3.50 -28.47 -7.32
C VAL B 57 2.25 -28.04 -8.07
N LEU B 58 2.14 -26.74 -8.36
CA LEU B 58 0.98 -26.18 -9.03
C LEU B 58 1.29 -25.76 -10.46
N SER B 59 2.28 -26.40 -11.08
CA SER B 59 2.63 -26.09 -12.46
C SER B 59 1.48 -26.47 -13.38
N SER B 60 1.18 -25.59 -14.33
CA SER B 60 -0.05 -25.70 -15.11
C SER B 60 0.18 -25.18 -16.52
N ARG B 61 -0.39 -25.88 -17.49
CA ARG B 61 -0.26 -25.48 -18.89
C ARG B 61 -1.29 -24.41 -19.21
N LEU B 62 -0.83 -23.30 -19.77
CA LEU B 62 -1.71 -22.25 -20.31
C LEU B 62 -2.02 -22.49 -21.78
N THR B 63 -1.03 -22.92 -22.54
CA THR B 63 -1.20 -23.31 -23.94
C THR B 63 -0.35 -24.55 -24.19
N LYS B 64 -0.34 -25.01 -25.44
CA LYS B 64 0.45 -26.20 -25.77
C LYS B 64 1.91 -26.03 -25.38
N LYS B 65 2.44 -24.80 -25.47
CA LYS B 65 3.86 -24.57 -25.27
C LYS B 65 4.19 -23.73 -24.04
N ILE B 66 3.21 -23.11 -23.39
CA ILE B 66 3.46 -22.22 -22.25
C ILE B 66 2.98 -22.91 -20.98
N THR B 67 3.82 -22.89 -19.95
CA THR B 67 3.50 -23.45 -18.65
C THR B 67 3.75 -22.40 -17.57
N LEU B 68 2.83 -22.30 -16.63
CA LEU B 68 2.94 -21.38 -15.50
C LEU B 68 3.21 -22.17 -14.23
N ASN B 69 3.77 -21.49 -13.23
CA ASN B 69 3.98 -22.10 -11.93
C ASN B 69 2.71 -22.10 -11.09
N ALA B 70 1.72 -21.30 -11.46
CA ALA B 70 0.46 -21.24 -10.75
C ALA B 70 -0.67 -21.11 -11.76
N PRO B 71 -1.81 -21.78 -11.55
CA PRO B 71 -2.88 -21.76 -12.57
C PRO B 71 -3.73 -20.50 -12.55
N PHE B 72 -3.13 -19.36 -12.23
CA PHE B 72 -3.88 -18.13 -12.03
C PHE B 72 -3.70 -17.22 -13.25
N VAL B 73 -4.83 -16.83 -13.85
CA VAL B 73 -4.81 -15.94 -14.99
C VAL B 73 -5.70 -14.68 -14.73
N SER B 74 -5.20 -13.43 -14.85
CA SER B 74 -6.04 -12.22 -14.61
C SER B 74 -7.04 -12.07 -15.80
N SER B 75 -8.29 -11.69 -15.58
CA SER B 75 -9.23 -11.55 -16.73
C SER B 75 -8.94 -10.29 -17.57
N PRO B 76 -9.26 -10.31 -18.87
CA PRO B 76 -9.02 -9.14 -19.73
C PRO B 76 -10.19 -8.15 -19.64
N MET B 77 -10.26 -7.45 -18.52
CA MET B 77 -11.32 -6.49 -18.26
C MET B 77 -10.68 -5.19 -17.79
N ASP B 78 -11.24 -4.07 -18.25
CA ASP B 78 -10.65 -2.75 -18.00
C ASP B 78 -10.71 -2.34 -16.53
N THR B 79 -11.23 -3.19 -15.65
CA THR B 79 -11.19 -2.94 -14.21
C THR B 79 -10.30 -3.93 -13.49
N VAL B 80 -9.60 -4.79 -14.21
CA VAL B 80 -8.80 -5.84 -13.58
C VAL B 80 -7.36 -5.79 -14.10
N THR B 81 -7.17 -5.99 -15.41
CA THR B 81 -5.86 -6.29 -15.96
C THR B 81 -5.37 -5.19 -16.90
N GLU B 82 -4.49 -4.34 -16.39
CA GLU B 82 -3.64 -3.52 -17.25
C GLU B 82 -2.19 -3.87 -16.94
N ALA B 83 -1.24 -2.96 -17.19
CA ALA B 83 0.16 -3.30 -17.03
C ALA B 83 0.48 -3.69 -15.59
N ASP B 84 0.00 -2.91 -14.62
CA ASP B 84 0.32 -3.19 -13.22
C ASP B 84 -0.10 -4.60 -12.84
N MET B 85 -1.33 -5.00 -13.18
CA MET B 85 -1.80 -6.34 -12.85
C MET B 85 -1.01 -7.40 -13.61
N ALA B 86 -0.78 -7.20 -14.92
CA ALA B 86 -0.11 -8.22 -15.72
C ALA B 86 1.31 -8.46 -15.24
N ILE B 87 2.00 -7.40 -14.82
CA ILE B 87 3.37 -7.57 -14.31
C ILE B 87 3.37 -8.47 -13.09
N HIS B 88 2.52 -8.17 -12.11
CA HIS B 88 2.61 -8.86 -10.83
C HIS B 88 2.03 -10.26 -10.92
N MET B 89 0.97 -10.47 -11.69
CA MET B 89 0.50 -11.83 -11.93
C MET B 89 1.63 -12.70 -12.44
N ALA B 90 2.45 -12.17 -13.35
CA ALA B 90 3.56 -12.93 -13.92
C ALA B 90 4.64 -13.17 -12.87
N LEU B 91 4.97 -12.15 -12.08
CA LEU B 91 6.00 -12.31 -11.05
C LEU B 91 5.61 -13.36 -10.03
N LEU B 92 4.31 -13.48 -9.73
CA LEU B 92 3.83 -14.36 -8.69
C LEU B 92 3.42 -15.74 -9.20
N GLY B 93 3.78 -16.06 -10.45
CA GLY B 93 3.61 -17.40 -10.97
C GLY B 93 2.51 -17.55 -12.01
N GLY B 94 1.70 -16.51 -12.24
CA GLY B 94 0.62 -16.60 -13.21
C GLY B 94 0.87 -15.77 -14.46
N ILE B 95 -0.20 -15.19 -15.02
CA ILE B 95 -0.09 -14.35 -16.20
C ILE B 95 -1.33 -13.49 -16.26
N GLY B 96 -1.19 -12.29 -16.81
CA GLY B 96 -2.30 -11.37 -16.98
C GLY B 96 -2.59 -11.12 -18.45
N ILE B 97 -3.88 -11.00 -18.77
CA ILE B 97 -4.35 -10.72 -20.13
C ILE B 97 -4.81 -9.27 -20.17
N ILE B 98 -4.01 -8.39 -20.78
CA ILE B 98 -4.40 -6.98 -20.86
C ILE B 98 -5.68 -6.85 -21.65
N HIS B 99 -6.57 -5.97 -21.18
CA HIS B 99 -7.83 -5.74 -21.85
C HIS B 99 -7.62 -4.95 -23.14
N HIS B 100 -8.59 -5.02 -24.04
CA HIS B 100 -8.54 -4.31 -25.31
C HIS B 100 -9.60 -3.22 -25.41
N ASN B 101 -10.13 -2.75 -24.29
CA ASN B 101 -11.04 -1.61 -24.27
C ASN B 101 -10.20 -0.34 -24.25
N CYS B 102 -9.50 -0.11 -25.36
CA CYS B 102 -8.57 0.99 -25.54
C CYS B 102 -8.04 0.86 -26.96
N THR B 103 -7.48 1.95 -27.49
CA THR B 103 -7.00 1.90 -28.86
C THR B 103 -5.84 0.91 -28.96
N ALA B 104 -5.46 0.59 -30.20
CA ALA B 104 -4.39 -0.36 -30.42
C ALA B 104 -3.06 0.14 -29.87
N GLU B 105 -2.82 1.46 -29.90
CA GLU B 105 -1.55 1.98 -29.40
C GLU B 105 -1.47 1.88 -27.89
N GLU B 106 -2.59 2.16 -27.19
CA GLU B 106 -2.56 2.11 -25.73
C GLU B 106 -2.38 0.69 -25.23
N GLN B 107 -3.03 -0.28 -25.89
CA GLN B 107 -2.86 -1.68 -25.51
C GLN B 107 -1.44 -2.16 -25.79
N ALA B 108 -0.88 -1.76 -26.93
CA ALA B 108 0.49 -2.15 -27.24
C ALA B 108 1.47 -1.55 -26.25
N GLU B 109 1.27 -0.28 -25.88
CA GLU B 109 2.11 0.32 -24.84
C GLU B 109 2.00 -0.46 -23.54
N MET B 110 0.78 -0.89 -23.18
CA MET B 110 0.61 -1.66 -21.95
C MET B 110 1.41 -2.96 -21.99
N VAL B 111 1.36 -3.68 -23.11
CA VAL B 111 2.15 -4.90 -23.24
C VAL B 111 3.63 -4.59 -23.07
N ARG B 112 4.11 -3.53 -23.73
CA ARG B 112 5.53 -3.22 -23.69
C ARG B 112 6.01 -2.98 -22.26
N ARG B 113 5.18 -2.30 -21.45
CA ARG B 113 5.56 -2.07 -20.06
C ARG B 113 5.70 -3.38 -19.29
N VAL B 114 4.90 -4.38 -19.64
CA VAL B 114 5.04 -5.70 -19.01
C VAL B 114 6.32 -6.37 -19.49
N LYS B 115 6.56 -6.35 -20.80
CA LYS B 115 7.73 -7.02 -21.35
C LYS B 115 9.03 -6.36 -20.89
N LYS B 116 9.01 -5.06 -20.62
CA LYS B 116 10.22 -4.34 -20.24
C LYS B 116 10.41 -4.24 -18.74
N TYR B 117 9.47 -4.74 -17.93
CA TYR B 117 9.60 -4.56 -16.48
C TYR B 117 10.82 -5.28 -15.94
N GLU B 118 11.06 -6.51 -16.40
CA GLU B 118 12.23 -7.29 -16.01
C GLU B 118 12.95 -7.75 -17.27
N ASN B 119 14.27 -7.59 -17.30
CA ASN B 119 15.06 -7.97 -18.45
C ASN B 119 16.29 -8.74 -18.01
N GLY B 120 16.86 -9.49 -18.94
CA GLY B 120 18.25 -9.90 -18.85
C GLY B 120 19.10 -8.86 -19.55
N PHE B 121 19.15 -8.93 -20.87
CA PHE B 121 19.80 -7.91 -21.69
C PHE B 121 18.74 -6.88 -22.09
N ILE B 122 18.86 -5.67 -21.58
CA ILE B 122 17.96 -4.58 -21.97
C ILE B 122 18.23 -4.24 -23.43
N ASN B 123 17.36 -4.69 -24.33
CA ASN B 123 17.48 -4.33 -25.73
C ASN B 123 17.11 -2.86 -25.92
N ALA B 124 17.98 -2.13 -26.61
CA ALA B 124 17.75 -0.73 -26.92
C ALA B 124 17.46 0.08 -25.65
N PRO B 125 18.40 0.14 -24.71
CA PRO B 125 18.14 0.89 -23.48
C PRO B 125 17.96 2.38 -23.76
N VAL B 126 17.14 3.03 -22.92
CA VAL B 126 16.94 4.46 -23.04
C VAL B 126 18.25 5.16 -22.74
N VAL B 127 18.70 5.99 -23.70
CA VAL B 127 19.98 6.69 -23.57
C VAL B 127 19.72 8.19 -23.52
N VAL B 128 20.80 8.97 -23.41
CA VAL B 128 20.72 10.42 -23.43
C VAL B 128 21.97 10.94 -24.12
N GLY B 129 21.85 12.11 -24.74
CA GLY B 129 22.98 12.77 -25.34
C GLY B 129 23.69 13.67 -24.34
N PRO B 130 24.93 14.05 -24.65
CA PRO B 130 25.67 14.94 -23.74
C PRO B 130 25.09 16.34 -23.66
N ASP B 131 24.27 16.75 -24.63
CA ASP B 131 23.65 18.06 -24.60
C ASP B 131 22.51 18.16 -23.59
N ALA B 132 21.90 17.04 -23.23
CA ALA B 132 20.79 17.07 -22.28
C ALA B 132 21.26 17.65 -20.95
N THR B 133 20.29 18.18 -20.20
CA THR B 133 20.55 18.82 -18.92
C THR B 133 20.03 17.95 -17.78
N VAL B 134 20.31 18.41 -16.56
CA VAL B 134 19.73 17.76 -15.38
C VAL B 134 18.21 17.83 -15.42
N ALA B 135 17.67 18.99 -15.82
CA ALA B 135 16.23 19.13 -15.94
C ALA B 135 15.66 18.09 -16.89
N ASP B 136 16.38 17.78 -17.97
CA ASP B 136 15.91 16.78 -18.92
C ASP B 136 15.98 15.37 -18.32
N VAL B 137 17.05 15.06 -17.59
CA VAL B 137 17.18 13.72 -17.01
C VAL B 137 16.14 13.52 -15.92
N ARG B 138 15.74 14.59 -15.23
CA ARG B 138 14.67 14.44 -14.23
C ARG B 138 13.33 14.21 -14.90
N ARG B 139 13.06 14.90 -16.02
CA ARG B 139 11.83 14.65 -16.76
C ARG B 139 11.76 13.19 -17.21
N MET B 140 12.87 12.65 -17.72
CA MET B 140 12.87 11.28 -18.22
C MET B 140 12.61 10.28 -17.10
N LYS B 141 13.13 10.55 -15.90
CA LYS B 141 12.88 9.66 -14.78
C LYS B 141 11.39 9.58 -14.46
N ASN B 142 10.69 10.71 -14.58
CA ASN B 142 9.25 10.72 -14.32
C ASN B 142 8.50 10.00 -15.43
N GLU B 143 8.91 10.18 -16.69
CA GLU B 143 8.21 9.55 -17.79
C GLU B 143 8.41 8.03 -17.76
N PHE B 144 9.67 7.58 -17.72
CA PHE B 144 9.98 6.17 -17.86
C PHE B 144 10.05 5.44 -16.53
N GLY B 145 10.21 6.14 -15.42
CA GLY B 145 10.23 5.52 -14.11
C GLY B 145 11.60 5.09 -13.61
N PHE B 146 12.61 5.12 -14.43
CA PHE B 146 13.97 4.82 -13.97
C PHE B 146 14.94 5.95 -14.40
N ALA B 147 16.07 6.16 -13.72
CA ALA B 147 17.09 7.22 -14.00
C ALA B 147 18.51 6.71 -14.47
N GLY B 148 18.72 5.42 -14.71
CA GLY B 148 20.00 4.86 -15.11
C GLY B 148 20.08 5.03 -16.66
N PHE B 149 20.81 6.06 -17.16
CA PHE B 149 20.95 6.38 -18.58
C PHE B 149 22.37 6.36 -19.11
N PRO B 150 22.70 5.40 -19.92
CA PRO B 150 23.98 5.55 -20.60
C PRO B 150 23.95 6.78 -21.50
N VAL B 151 25.11 7.42 -21.61
CA VAL B 151 25.25 8.65 -22.40
C VAL B 151 25.98 8.30 -23.69
N THR B 152 25.32 8.52 -24.82
CA THR B 152 25.89 8.25 -26.13
C THR B 152 26.10 9.56 -26.89
N ASP B 153 27.09 9.55 -27.80
CA ASP B 153 27.55 10.79 -28.41
C ASP B 153 26.46 11.44 -29.27
N ASP B 154 25.60 10.63 -29.89
CA ASP B 154 24.55 11.15 -30.76
C ASP B 154 23.16 11.10 -30.12
N GLY B 155 23.04 10.59 -28.90
CA GLY B 155 21.76 10.45 -28.25
C GLY B 155 20.94 9.26 -28.70
N LYS B 156 21.45 8.46 -29.66
CA LYS B 156 20.76 7.27 -30.12
C LYS B 156 21.25 6.04 -29.36
N PRO B 157 20.41 5.00 -29.25
CA PRO B 157 20.80 3.85 -28.41
C PRO B 157 22.02 3.12 -28.90
N THR B 158 22.37 3.23 -30.19
CA THR B 158 23.50 2.55 -30.77
C THR B 158 24.69 3.48 -31.01
N GLY B 159 24.69 4.66 -30.38
CA GLY B 159 25.80 5.57 -30.51
C GLY B 159 26.99 5.16 -29.66
N LYS B 160 28.06 5.95 -29.75
CA LYS B 160 29.27 5.65 -29.00
C LYS B 160 29.08 6.03 -27.54
N LEU B 161 29.48 5.13 -26.65
CA LEU B 161 29.28 5.31 -25.21
C LEU B 161 30.27 6.34 -24.68
N GLN B 162 29.75 7.40 -24.05
CA GLN B 162 30.58 8.43 -23.43
C GLN B 162 30.53 8.41 -21.92
N GLY B 163 29.54 7.76 -21.32
CA GLY B 163 29.39 7.75 -19.88
C GLY B 163 28.02 7.25 -19.49
N ILE B 164 27.73 7.35 -18.20
CA ILE B 164 26.46 6.91 -17.64
C ILE B 164 26.07 7.87 -16.53
N ILE B 165 24.76 8.11 -16.39
CA ILE B 165 24.23 8.98 -15.34
C ILE B 165 23.06 8.26 -14.67
N THR B 166 22.95 8.40 -13.36
CA THR B 166 22.00 7.63 -12.57
C THR B 166 21.41 8.52 -11.48
N SER B 167 20.57 7.90 -10.64
CA SER B 167 19.85 8.67 -9.62
C SER B 167 20.81 9.44 -8.71
N ARG B 168 21.89 8.80 -8.27
CA ARG B 168 22.81 9.45 -7.34
C ARG B 168 23.62 10.56 -8.00
N ASP B 169 23.68 10.59 -9.33
CA ASP B 169 24.42 11.64 -10.02
C ASP B 169 23.63 12.95 -10.15
N ILE B 170 22.30 12.91 -9.93
CA ILE B 170 21.48 14.10 -10.09
C ILE B 170 20.61 14.34 -8.87
N GLN B 171 20.80 13.53 -7.81
CA GLN B 171 19.88 13.56 -6.69
C GLN B 171 19.87 14.93 -6.00
N PHE B 172 21.04 15.40 -5.59
CA PHE B 172 21.13 16.64 -4.82
C PHE B 172 21.77 17.77 -5.62
N VAL B 173 21.70 17.71 -6.94
CA VAL B 173 22.21 18.79 -7.80
C VAL B 173 21.18 19.91 -7.81
N GLU B 174 21.59 21.09 -7.36
CA GLU B 174 20.68 22.23 -7.26
C GLU B 174 20.59 23.04 -8.56
N ASP B 175 21.56 22.89 -9.46
CA ASP B 175 21.55 23.59 -10.74
C ASP B 175 21.02 22.62 -11.80
N GLU B 176 19.76 22.81 -12.18
CA GLU B 176 19.12 21.95 -13.18
C GLU B 176 19.56 22.28 -14.61
N THR B 177 20.36 23.32 -14.80
CA THR B 177 20.82 23.70 -16.14
C THR B 177 22.13 23.05 -16.52
N LEU B 178 22.80 22.36 -15.58
CA LEU B 178 24.06 21.70 -15.89
C LEU B 178 23.89 20.73 -17.06
N LEU B 179 24.98 20.52 -17.79
CA LEU B 179 25.01 19.52 -18.83
C LEU B 179 25.28 18.14 -18.24
N VAL B 180 24.67 17.12 -18.84
CA VAL B 180 24.92 15.75 -18.42
C VAL B 180 26.40 15.45 -18.47
N SER B 181 27.11 16.02 -19.46
CA SER B 181 28.51 15.71 -19.64
C SER B 181 29.36 16.13 -18.44
N GLU B 182 28.91 17.13 -17.69
CA GLU B 182 29.71 17.63 -16.58
C GLU B 182 29.63 16.72 -15.35
N ILE B 183 28.49 16.09 -15.11
CA ILE B 183 28.29 15.31 -13.89
C ILE B 183 28.16 13.82 -14.15
N MET B 184 28.12 13.38 -15.41
CA MET B 184 28.02 11.97 -15.70
C MET B 184 29.32 11.25 -15.39
N THR B 185 29.21 9.97 -15.01
CA THR B 185 30.38 9.13 -14.81
C THR B 185 30.91 8.71 -16.17
N LYS B 186 32.14 9.11 -16.47
CA LYS B 186 32.72 8.88 -17.79
C LYS B 186 33.45 7.55 -17.89
N ASP B 187 34.17 7.14 -16.84
CA ASP B 187 34.88 5.86 -16.84
C ASP B 187 33.88 4.79 -16.39
N VAL B 188 33.22 4.19 -17.36
CA VAL B 188 32.12 3.26 -17.10
C VAL B 188 32.66 1.84 -17.25
N ILE B 189 32.35 1.00 -16.27
CA ILE B 189 32.61 -0.43 -16.39
C ILE B 189 31.55 -1.05 -17.28
N THR B 190 31.99 -1.82 -18.27
CA THR B 190 31.11 -2.37 -19.29
C THR B 190 31.40 -3.86 -19.45
N GLY B 191 30.67 -4.44 -20.39
CA GLY B 191 30.85 -5.84 -20.79
C GLY B 191 31.08 -5.92 -22.31
N LYS B 192 32.05 -6.69 -22.84
CA LYS B 192 32.26 -6.75 -24.33
C LYS B 192 31.04 -7.46 -25.00
N GLN B 193 30.61 -7.11 -26.22
CA GLN B 193 29.44 -7.80 -26.87
C GLN B 193 29.80 -9.25 -27.13
N GLY B 194 28.81 -10.13 -27.06
CA GLY B 194 29.04 -11.54 -27.20
C GLY B 194 29.09 -12.28 -25.87
N ILE B 195 29.48 -11.59 -24.81
CA ILE B 195 29.40 -12.15 -23.46
C ILE B 195 27.99 -12.65 -23.22
N ASN B 196 27.87 -13.86 -22.66
CA ASN B 196 26.55 -14.41 -22.38
C ASN B 196 26.02 -13.81 -21.07
N LEU B 197 24.80 -14.24 -20.69
CA LEU B 197 24.13 -13.63 -19.56
C LEU B 197 24.83 -13.97 -18.24
N GLU B 198 25.15 -15.26 -18.04
CA GLU B 198 25.82 -15.65 -16.81
C GLU B 198 27.15 -14.91 -16.64
N GLU B 199 27.89 -14.75 -17.74
CA GLU B 199 29.16 -14.03 -17.66
C GLU B 199 28.95 -12.55 -17.36
N ALA B 200 28.02 -11.91 -18.07
CA ALA B 200 27.74 -10.50 -17.81
C ALA B 200 27.21 -10.29 -16.39
N ASN B 201 26.36 -11.21 -15.92
CA ASN B 201 25.85 -11.11 -14.55
C ASN B 201 26.99 -11.10 -13.54
N GLN B 202 28.06 -11.86 -13.81
CA GLN B 202 29.16 -11.93 -12.86
C GLN B 202 29.94 -10.63 -12.81
N ILE B 203 30.18 -10.02 -13.97
CA ILE B 203 30.83 -8.70 -13.99
C ILE B 203 29.99 -7.70 -13.24
N LEU B 204 28.67 -7.71 -13.47
CA LEU B 204 27.78 -6.79 -12.77
C LEU B 204 27.90 -6.95 -11.26
N LYS B 205 27.79 -8.19 -10.78
CA LYS B 205 27.87 -8.43 -9.33
C LYS B 205 29.16 -7.89 -8.74
N ASN B 206 30.29 -8.15 -9.39
CA ASN B 206 31.58 -7.86 -8.78
C ASN B 206 31.83 -6.36 -8.66
N THR B 207 31.33 -5.57 -9.61
CA THR B 207 31.51 -4.12 -9.52
C THR B 207 30.61 -3.50 -8.46
N LYS B 208 29.63 -4.23 -8.02
CA LYS B 208 28.68 -3.71 -7.10
C LYS B 208 28.09 -2.39 -7.62
N LYS B 209 28.00 -2.26 -8.92
CA LYS B 209 27.48 -1.08 -9.54
C LYS B 209 26.02 -1.36 -10.01
N GLY B 210 25.18 -0.34 -10.11
CA GLY B 210 23.83 -0.53 -10.50
C GLY B 210 23.62 -1.00 -11.96
N LYS B 211 24.40 -0.46 -12.91
CA LYS B 211 24.28 -0.81 -14.36
C LYS B 211 25.58 -1.27 -15.09
N LEU B 212 25.42 -2.08 -16.15
CA LEU B 212 26.51 -2.67 -16.92
C LEU B 212 26.28 -2.50 -18.42
N PRO B 213 26.47 -1.34 -18.96
CA PRO B 213 26.30 -1.23 -20.41
C PRO B 213 27.16 -2.25 -21.15
N ILE B 214 26.64 -2.71 -22.28
CA ILE B 214 27.36 -3.62 -23.17
C ILE B 214 27.74 -2.85 -24.42
N VAL B 215 29.01 -2.95 -24.81
CA VAL B 215 29.51 -2.24 -25.98
C VAL B 215 30.20 -3.23 -26.91
N ASP B 216 30.25 -2.86 -28.19
CA ASP B 216 30.93 -3.67 -29.20
C ASP B 216 32.39 -3.20 -29.30
N GLU B 217 33.10 -3.70 -30.32
CA GLU B 217 34.49 -3.30 -30.51
C GLU B 217 34.64 -1.84 -30.92
N ALA B 218 33.59 -1.25 -31.49
CA ALA B 218 33.61 0.15 -31.89
C ALA B 218 33.34 1.10 -30.73
N GLY B 219 33.06 0.57 -29.54
CA GLY B 219 32.67 1.40 -28.42
C GLY B 219 31.22 1.83 -28.43
N CYS B 220 30.40 1.24 -29.29
CA CYS B 220 29.00 1.61 -29.40
C CYS B 220 28.16 0.77 -28.45
N LEU B 221 27.12 1.39 -27.89
CA LEU B 221 26.20 0.69 -27.00
C LEU B 221 25.33 -0.28 -27.79
N VAL B 222 25.06 -1.43 -27.19
CA VAL B 222 24.23 -2.45 -27.83
C VAL B 222 23.16 -2.93 -26.87
N SER B 223 23.51 -3.01 -25.59
CA SER B 223 22.59 -3.52 -24.58
C SER B 223 23.05 -3.01 -23.21
N MET B 224 22.34 -3.43 -22.17
CA MET B 224 22.68 -3.02 -20.82
C MET B 224 22.04 -3.99 -19.82
N LEU B 225 22.73 -4.20 -18.70
CA LEU B 225 22.23 -4.99 -17.59
C LEU B 225 21.91 -4.08 -16.41
N SER B 226 20.97 -4.52 -15.58
CA SER B 226 20.55 -3.78 -14.39
C SER B 226 20.69 -4.66 -13.16
N ARG B 227 21.27 -4.09 -12.10
CA ARG B 227 21.43 -4.83 -10.86
C ARG B 227 20.08 -5.21 -10.26
N THR B 228 19.04 -4.40 -10.49
CA THR B 228 17.75 -4.67 -9.89
C THR B 228 17.00 -5.80 -10.57
N ASP B 229 17.34 -6.14 -11.82
CA ASP B 229 16.74 -7.32 -12.43
C ASP B 229 17.22 -8.59 -11.72
N LEU B 230 18.46 -8.61 -11.25
CA LEU B 230 18.90 -9.73 -10.43
C LEU B 230 18.15 -9.79 -9.11
N MET B 231 17.75 -8.63 -8.58
CA MET B 231 16.96 -8.61 -7.36
C MET B 231 15.55 -9.12 -7.62
N LYS B 232 14.96 -8.67 -8.72
CA LYS B 232 13.61 -9.14 -9.04
C LYS B 232 13.63 -10.72 -9.19
N ASN B 233 14.69 -11.25 -9.77
CA ASN B 233 14.76 -12.72 -9.91
C ASN B 233 14.82 -13.39 -8.51
N GLN B 234 15.58 -12.80 -7.60
CA GLN B 234 15.72 -13.42 -6.28
C GLN B 234 14.43 -13.31 -5.48
N SER B 235 13.69 -12.21 -5.64
CA SER B 235 12.47 -12.00 -4.87
C SER B 235 11.29 -12.80 -5.41
N TYR B 236 11.31 -13.16 -6.69
CA TYR B 236 10.20 -13.84 -7.34
C TYR B 236 10.73 -15.06 -8.09
N PRO B 237 11.01 -16.15 -7.37
CA PRO B 237 11.54 -17.36 -8.04
C PRO B 237 10.51 -18.12 -8.85
N LEU B 238 9.23 -17.77 -8.77
CA LEU B 238 8.19 -18.45 -9.54
C LEU B 238 7.73 -17.63 -10.75
N ALA B 239 8.38 -16.52 -11.06
CA ALA B 239 7.88 -15.62 -12.08
C ALA B 239 7.71 -16.33 -13.42
N SER B 240 6.65 -15.96 -14.14
CA SER B 240 6.41 -16.46 -15.49
C SER B 240 7.19 -15.57 -16.46
N LYS B 241 8.22 -16.12 -17.08
CA LYS B 241 9.03 -15.33 -18.00
C LYS B 241 9.73 -16.24 -18.98
N SER B 242 10.06 -15.67 -20.14
CA SER B 242 10.75 -16.41 -21.18
C SER B 242 12.14 -16.84 -20.71
N ALA B 243 12.48 -18.10 -20.96
CA ALA B 243 13.80 -18.60 -20.58
C ALA B 243 14.91 -17.96 -21.39
N ASP B 244 14.62 -17.58 -22.64
CA ASP B 244 15.65 -17.01 -23.50
C ASP B 244 15.88 -15.53 -23.20
N THR B 245 14.81 -14.76 -23.01
CA THR B 245 14.90 -13.32 -22.85
C THR B 245 14.86 -12.86 -21.40
N LYS B 246 14.31 -13.67 -20.50
CA LYS B 246 14.14 -13.34 -19.09
C LYS B 246 13.04 -12.30 -18.84
N GLN B 247 12.26 -11.95 -19.86
CA GLN B 247 11.17 -11.00 -19.68
C GLN B 247 9.89 -11.72 -19.23
N LEU B 248 9.08 -11.02 -18.44
CA LEU B 248 7.83 -11.57 -17.96
C LEU B 248 6.90 -11.89 -19.13
N LEU B 249 6.25 -13.06 -19.07
CA LEU B 249 5.26 -13.39 -20.06
C LEU B 249 4.08 -12.42 -19.96
N CYS B 250 3.55 -12.02 -21.12
CA CYS B 250 2.44 -11.09 -21.17
C CYS B 250 1.39 -11.60 -22.15
N GLY B 251 0.12 -11.41 -21.80
CA GLY B 251 -0.98 -11.78 -22.66
C GLY B 251 -1.85 -10.59 -22.95
N ALA B 252 -2.66 -10.67 -24.02
CA ALA B 252 -3.54 -9.59 -24.39
C ALA B 252 -4.72 -10.16 -25.18
N ALA B 253 -5.87 -9.50 -25.04
CA ALA B 253 -7.09 -9.92 -25.73
C ALA B 253 -7.33 -9.04 -26.95
N ILE B 254 -7.94 -9.64 -27.98
CA ILE B 254 -8.34 -8.92 -29.18
C ILE B 254 -9.70 -9.43 -29.61
N GLY B 255 -10.39 -8.61 -30.40
CA GLY B 255 -11.59 -9.06 -31.08
C GLY B 255 -11.23 -9.94 -32.27
N THR B 256 -12.24 -10.18 -33.11
CA THR B 256 -12.07 -11.01 -34.30
C THR B 256 -12.48 -10.28 -35.57
N ILE B 257 -12.67 -9.02 -35.44
CA ILE B 257 -13.04 -8.27 -36.60
C ILE B 257 -11.79 -7.96 -37.45
N ASP B 258 -11.93 -7.42 -38.67
CA ASP B 258 -10.72 -7.14 -39.50
C ASP B 258 -9.73 -6.11 -38.81
N ALA B 259 -10.20 -5.07 -38.12
CA ALA B 259 -9.25 -4.09 -37.53
C ALA B 259 -8.26 -4.74 -36.53
N ASP B 260 -8.69 -5.77 -35.87
CA ASP B 260 -7.89 -6.41 -34.84
C ASP B 260 -6.85 -7.35 -35.41
N ARG B 261 -6.69 -7.40 -36.73
CA ARG B 261 -5.51 -8.05 -37.31
C ARG B 261 -4.30 -7.13 -37.23
N GLN B 262 -4.48 -5.85 -37.59
CA GLN B 262 -3.43 -4.86 -37.39
C GLN B 262 -3.16 -4.65 -35.91
N ARG B 263 -4.20 -4.68 -35.08
CA ARG B 263 -4.01 -4.50 -33.65
C ARG B 263 -3.10 -5.58 -33.09
N LEU B 264 -3.34 -6.84 -33.46
CA LEU B 264 -2.47 -7.92 -33.00
C LEU B 264 -1.03 -7.68 -33.42
N ALA B 265 -0.83 -7.23 -34.67
CA ALA B 265 0.53 -7.01 -35.16
C ALA B 265 1.29 -6.03 -34.28
N MET B 266 0.62 -5.00 -33.78
CA MET B 266 1.29 -4.04 -32.90
C MET B 266 1.54 -4.64 -31.52
N LEU B 267 0.64 -5.49 -31.04
CA LEU B 267 0.90 -6.19 -29.79
C LEU B 267 2.06 -7.17 -29.96
N VAL B 268 2.06 -7.92 -31.06
CA VAL B 268 3.17 -8.83 -31.34
C VAL B 268 4.48 -8.06 -31.34
N GLU B 269 4.52 -6.92 -32.03
CA GLU B 269 5.72 -6.10 -32.06
C GLU B 269 6.17 -5.70 -30.67
N ALA B 270 5.22 -5.48 -29.75
CA ALA B 270 5.54 -5.08 -28.38
C ALA B 270 5.99 -6.23 -27.51
N GLY B 271 6.04 -7.44 -28.04
CA GLY B 271 6.57 -8.59 -27.32
C GLY B 271 5.54 -9.58 -26.82
N LEU B 272 4.32 -9.57 -27.36
CA LEU B 272 3.24 -10.40 -26.84
C LEU B 272 3.57 -11.89 -26.98
N ASP B 273 3.34 -12.64 -25.90
CA ASP B 273 3.58 -14.08 -25.90
C ASP B 273 2.34 -14.90 -26.20
N VAL B 274 1.16 -14.42 -25.81
CA VAL B 274 -0.08 -15.16 -26.00
C VAL B 274 -1.22 -14.17 -26.22
N VAL B 275 -2.10 -14.49 -27.15
CA VAL B 275 -3.26 -13.65 -27.45
C VAL B 275 -4.52 -14.46 -27.14
N VAL B 276 -5.51 -13.79 -26.54
CA VAL B 276 -6.81 -14.38 -26.24
C VAL B 276 -7.83 -13.74 -27.17
N LEU B 277 -8.57 -14.57 -27.90
CA LEU B 277 -9.62 -14.08 -28.78
C LEU B 277 -10.88 -13.87 -27.94
N ASP B 278 -11.27 -12.60 -27.78
CA ASP B 278 -12.28 -12.21 -26.79
C ASP B 278 -13.66 -12.27 -27.41
N SER B 279 -14.39 -13.33 -27.15
CA SER B 279 -15.77 -13.42 -27.65
C SER B 279 -16.78 -14.16 -26.71
N SER B 280 -18.04 -13.71 -26.58
CA SER B 280 -19.04 -14.47 -25.74
C SER B 280 -19.32 -15.92 -26.36
N GLN B 281 -19.35 -15.98 -27.69
CA GLN B 281 -19.55 -17.22 -28.47
C GLN B 281 -18.52 -17.38 -29.61
N GLY B 282 -17.35 -17.94 -29.31
CA GLY B 282 -16.24 -18.04 -30.24
C GLY B 282 -16.39 -18.98 -31.46
N ASN B 283 -17.29 -19.94 -31.38
CA ASN B 283 -17.45 -20.90 -32.46
C ASN B 283 -18.13 -20.21 -33.65
N SER B 284 -17.35 -19.34 -34.32
CA SER B 284 -17.85 -18.59 -35.44
C SER B 284 -16.84 -18.65 -36.59
N VAL B 285 -17.34 -18.44 -37.81
CA VAL B 285 -16.46 -18.40 -38.97
C VAL B 285 -15.44 -17.28 -38.83
N PHE B 286 -15.83 -16.16 -38.21
CA PHE B 286 -14.94 -15.01 -38.13
C PHE B 286 -13.76 -15.30 -37.21
N GLN B 287 -13.96 -16.08 -36.15
CA GLN B 287 -12.86 -16.42 -35.25
C GLN B 287 -12.03 -17.57 -35.79
N ILE B 288 -12.69 -18.56 -36.41
CA ILE B 288 -11.96 -19.66 -37.02
C ILE B 288 -10.92 -19.13 -38.00
N ASN B 289 -11.34 -18.23 -38.90
CA ASN B 289 -10.41 -17.65 -39.84
C ASN B 289 -9.29 -16.90 -39.13
N MET B 290 -9.63 -16.21 -38.03
CA MET B 290 -8.61 -15.49 -37.27
C MET B 290 -7.57 -16.45 -36.72
N ILE B 291 -7.99 -17.64 -36.30
CA ILE B 291 -7.06 -18.61 -35.74
C ILE B 291 -6.13 -19.13 -36.83
N LYS B 292 -6.70 -19.55 -37.97
CA LYS B 292 -5.87 -19.99 -39.09
C LYS B 292 -4.90 -18.89 -39.52
N TRP B 293 -5.37 -17.64 -39.54
CA TRP B 293 -4.55 -16.52 -39.97
C TRP B 293 -3.40 -16.26 -39.00
N ILE B 294 -3.63 -16.47 -37.70
CA ILE B 294 -2.59 -16.20 -36.72
C ILE B 294 -1.52 -17.29 -36.76
N LYS B 295 -1.92 -18.54 -37.01
CA LYS B 295 -0.93 -19.63 -37.00
C LYS B 295 0.10 -19.48 -38.11
N GLU B 296 -0.29 -18.94 -39.26
CA GLU B 296 0.61 -18.83 -40.40
C GLU B 296 1.22 -17.44 -40.55
N THR B 297 0.68 -16.43 -39.88
CA THR B 297 1.20 -15.07 -39.96
C THR B 297 2.12 -14.70 -38.80
N PHE B 298 1.80 -15.18 -37.59
CA PHE B 298 2.68 -15.05 -36.42
C PHE B 298 2.82 -16.43 -35.79
N PRO B 299 3.54 -17.34 -36.45
CA PRO B 299 3.54 -18.74 -35.99
C PRO B 299 4.04 -18.93 -34.58
N ASP B 300 4.93 -18.07 -34.08
CA ASP B 300 5.45 -18.24 -32.74
C ASP B 300 4.51 -17.73 -31.66
N LEU B 301 3.36 -17.17 -32.03
CA LEU B 301 2.41 -16.65 -31.07
C LEU B 301 1.41 -17.73 -30.69
N GLN B 302 1.11 -17.82 -29.39
CA GLN B 302 0.16 -18.79 -28.88
C GLN B 302 -1.23 -18.19 -28.81
N VAL B 303 -2.23 -18.95 -29.25
CA VAL B 303 -3.58 -18.44 -29.46
C VAL B 303 -4.53 -19.20 -28.55
N ILE B 304 -5.25 -18.47 -27.71
CA ILE B 304 -6.33 -19.00 -26.89
C ILE B 304 -7.64 -18.52 -27.49
N ALA B 305 -8.48 -19.46 -27.91
CA ALA B 305 -9.75 -19.16 -28.53
C ALA B 305 -10.89 -19.35 -27.54
N GLY B 306 -12.06 -18.82 -27.90
CA GLY B 306 -13.24 -18.97 -27.07
C GLY B 306 -14.08 -17.71 -27.10
N ASN B 307 -15.07 -17.62 -26.21
CA ASN B 307 -15.36 -18.66 -25.23
C ASN B 307 -16.20 -19.80 -25.80
N VAL B 308 -16.02 -21.00 -25.24
CA VAL B 308 -16.78 -22.18 -25.64
C VAL B 308 -17.35 -22.83 -24.38
N VAL B 309 -18.36 -23.66 -24.57
CA VAL B 309 -18.94 -24.40 -23.45
C VAL B 309 -19.44 -25.78 -23.87
N THR B 310 -19.29 -26.14 -25.15
CA THR B 310 -19.76 -27.44 -25.62
C THR B 310 -18.63 -28.19 -26.32
N ARG B 311 -18.79 -29.51 -26.41
CA ARG B 311 -17.81 -30.34 -27.07
C ARG B 311 -17.62 -29.92 -28.53
N GLU B 312 -18.72 -29.67 -29.23
CA GLU B 312 -18.64 -29.37 -30.66
C GLU B 312 -17.92 -28.04 -30.90
N GLN B 313 -18.25 -27.01 -30.12
CA GLN B 313 -17.51 -25.76 -30.18
C GLN B 313 -16.01 -25.99 -30.06
N ALA B 314 -15.61 -26.74 -29.03
CA ALA B 314 -14.19 -26.98 -28.81
C ALA B 314 -13.57 -27.70 -30.00
N ALA B 315 -14.24 -28.73 -30.52
CA ALA B 315 -13.70 -29.44 -31.69
C ALA B 315 -13.48 -28.48 -32.85
N SER B 316 -14.40 -27.53 -33.06
CA SER B 316 -14.26 -26.57 -34.14
C SER B 316 -12.99 -25.74 -33.98
N LEU B 317 -12.84 -25.07 -32.84
CA LEU B 317 -11.72 -24.15 -32.65
C LEU B 317 -10.39 -24.89 -32.53
N ILE B 318 -10.38 -26.12 -32.03
CA ILE B 318 -9.16 -26.92 -32.05
C ILE B 318 -8.78 -27.24 -33.49
N HIS B 319 -9.74 -27.72 -34.28
CA HIS B 319 -9.47 -28.03 -35.68
C HIS B 319 -8.92 -26.82 -36.42
N ALA B 320 -9.26 -25.61 -35.96
CA ALA B 320 -8.70 -24.41 -36.56
C ALA B 320 -7.24 -24.19 -36.16
N GLY B 321 -6.77 -24.85 -35.09
CA GLY B 321 -5.39 -24.76 -34.69
C GLY B 321 -5.17 -24.12 -33.34
N ALA B 322 -6.23 -24.05 -32.53
CA ALA B 322 -6.14 -23.37 -31.24
C ALA B 322 -5.09 -24.02 -30.35
N ASP B 323 -4.36 -23.18 -29.62
CA ASP B 323 -3.40 -23.66 -28.65
C ASP B 323 -3.97 -23.73 -27.24
N GLY B 324 -5.10 -23.06 -26.99
CA GLY B 324 -5.79 -23.15 -25.72
C GLY B 324 -7.24 -22.79 -25.92
N LEU B 325 -8.06 -23.10 -24.92
CA LEU B 325 -9.49 -22.84 -24.97
C LEU B 325 -9.93 -22.12 -23.70
N ARG B 326 -10.76 -21.10 -23.88
CA ARG B 326 -11.33 -20.35 -22.78
C ARG B 326 -12.77 -20.81 -22.59
N ILE B 327 -13.07 -21.37 -21.42
CA ILE B 327 -14.35 -22.00 -21.15
C ILE B 327 -15.19 -21.08 -20.28
N GLY B 328 -16.42 -20.80 -20.72
CA GLY B 328 -17.36 -20.03 -19.92
C GLY B 328 -18.32 -19.19 -20.74
N MET B 329 -19.62 -19.26 -20.40
CA MET B 329 -20.62 -18.42 -21.05
C MET B 329 -21.79 -18.28 -20.08
N GLY B 330 -21.82 -17.17 -19.33
CA GLY B 330 -22.91 -16.88 -18.43
C GLY B 330 -22.51 -16.87 -16.96
N SER B 331 -21.52 -17.69 -16.59
CA SER B 331 -21.20 -17.90 -15.19
C SER B 331 -20.49 -16.73 -14.53
N GLY B 332 -20.12 -15.74 -15.31
CA GLY B 332 -19.33 -14.64 -14.80
C GLY B 332 -19.99 -13.74 -13.73
N SER B 333 -19.22 -13.17 -12.77
CA SER B 333 -19.84 -12.24 -11.77
C SER B 333 -20.28 -11.01 -12.63
N ILE B 334 -21.48 -10.50 -12.46
CA ILE B 334 -21.92 -9.36 -13.28
C ILE B 334 -22.04 -9.62 -14.80
N CYS B 335 -22.41 -10.84 -15.17
CA CYS B 335 -22.62 -11.26 -16.61
C CYS B 335 -24.09 -11.83 -16.78
N ILE B 336 -24.93 -11.28 -17.69
CA ILE B 336 -26.36 -11.66 -17.91
C ILE B 336 -26.62 -12.30 -19.29
N THR B 337 -25.59 -12.75 -19.99
CA THR B 337 -25.85 -13.29 -21.32
C THR B 337 -26.91 -14.39 -21.29
N GLN B 338 -26.98 -15.16 -20.20
CA GLN B 338 -27.94 -16.25 -20.13
C GLN B 338 -29.37 -15.73 -20.06
N GLU B 339 -29.59 -14.60 -19.37
CA GLU B 339 -30.92 -14.03 -19.25
C GLU B 339 -31.28 -13.19 -20.48
N VAL B 340 -30.29 -12.61 -21.14
CA VAL B 340 -30.55 -11.79 -22.32
C VAL B 340 -30.57 -12.64 -23.59
N MET B 341 -29.69 -13.64 -23.68
CA MET B 341 -29.60 -14.48 -24.88
C MET B 341 -30.22 -15.85 -24.70
N ALA B 342 -30.61 -16.24 -23.48
CA ALA B 342 -31.09 -17.57 -23.18
C ALA B 342 -30.06 -18.64 -23.48
N CYS B 343 -28.80 -18.24 -23.67
CA CYS B 343 -27.78 -19.12 -24.20
C CYS B 343 -26.57 -19.11 -23.27
N GLY B 344 -26.12 -20.31 -22.89
CA GLY B 344 -25.00 -20.43 -21.97
C GLY B 344 -24.91 -21.85 -21.45
N ARG B 345 -24.27 -22.00 -20.29
CA ARG B 345 -24.17 -23.31 -19.67
C ARG B 345 -23.68 -23.21 -18.23
N PRO B 346 -24.17 -24.05 -17.32
CA PRO B 346 -23.56 -24.13 -15.99
C PRO B 346 -22.07 -24.43 -16.11
N GLN B 347 -21.27 -23.73 -15.29
CA GLN B 347 -19.83 -23.69 -15.54
C GLN B 347 -19.17 -25.03 -15.30
N GLY B 348 -19.53 -25.71 -14.21
CA GLY B 348 -18.95 -27.01 -13.94
C GLY B 348 -19.18 -27.99 -15.07
N THR B 349 -20.42 -28.08 -15.55
CA THR B 349 -20.73 -28.99 -16.65
C THR B 349 -20.01 -28.60 -17.93
N ALA B 350 -19.82 -27.30 -18.17
CA ALA B 350 -19.10 -26.88 -19.38
C ALA B 350 -17.63 -27.27 -19.31
N VAL B 351 -16.99 -27.01 -18.17
CA VAL B 351 -15.57 -27.34 -18.01
C VAL B 351 -15.35 -28.83 -18.26
N TYR B 352 -16.15 -29.68 -17.61
CA TYR B 352 -15.94 -31.12 -17.73
C TYR B 352 -16.03 -31.57 -19.17
N ASN B 353 -17.10 -31.17 -19.87
CA ASN B 353 -17.36 -31.72 -21.19
C ASN B 353 -16.45 -31.13 -22.27
N VAL B 354 -15.99 -29.89 -22.11
CA VAL B 354 -15.01 -29.34 -23.04
C VAL B 354 -13.65 -29.99 -22.79
N THR B 355 -13.22 -30.01 -21.52
CA THR B 355 -11.88 -30.52 -21.21
C THR B 355 -11.78 -32.02 -21.42
N GLN B 356 -12.86 -32.77 -21.17
CA GLN B 356 -12.84 -34.20 -21.45
C GLN B 356 -12.51 -34.47 -22.91
N PHE B 357 -12.90 -33.55 -23.79
CA PHE B 357 -12.57 -33.65 -25.21
C PHE B 357 -11.27 -32.92 -25.54
N ALA B 358 -11.08 -31.72 -24.99
CA ALA B 358 -9.91 -30.93 -25.34
C ALA B 358 -8.62 -31.56 -24.83
N ASN B 359 -8.62 -32.06 -23.59
CA ASN B 359 -7.39 -32.63 -23.03
C ASN B 359 -6.88 -33.79 -23.89
N GLN B 360 -7.78 -34.53 -24.54
CA GLN B 360 -7.32 -35.62 -25.41
C GLN B 360 -6.43 -35.11 -26.54
N PHE B 361 -6.54 -33.83 -26.89
CA PHE B 361 -5.71 -33.21 -27.92
C PHE B 361 -4.60 -32.35 -27.33
N GLY B 362 -4.37 -32.44 -26.02
CA GLY B 362 -3.34 -31.64 -25.39
C GLY B 362 -3.58 -30.15 -25.49
N VAL B 363 -4.83 -29.72 -25.51
CA VAL B 363 -5.19 -28.31 -25.59
C VAL B 363 -5.62 -27.85 -24.19
N PRO B 364 -4.74 -27.20 -23.43
CA PRO B 364 -5.16 -26.70 -22.11
C PRO B 364 -6.37 -25.79 -22.22
N CYS B 365 -7.17 -25.77 -21.15
CA CYS B 365 -8.38 -24.96 -21.10
C CYS B 365 -8.38 -24.08 -19.88
N ILE B 366 -8.76 -22.82 -20.06
CA ILE B 366 -8.98 -21.89 -18.97
C ILE B 366 -10.42 -22.04 -18.50
N ALA B 367 -10.61 -22.35 -17.22
CA ALA B 367 -11.93 -22.29 -16.60
C ALA B 367 -12.23 -20.83 -16.27
N ASP B 368 -13.18 -20.25 -17.00
CA ASP B 368 -13.38 -18.81 -17.00
C ASP B 368 -14.78 -18.47 -16.46
N GLY B 369 -14.82 -17.70 -15.39
CA GLY B 369 -16.07 -17.21 -14.85
C GLY B 369 -16.57 -18.05 -13.69
N GLY B 370 -17.20 -17.38 -12.73
CA GLY B 370 -17.80 -18.06 -11.60
C GLY B 370 -16.86 -18.40 -10.47
N VAL B 371 -15.62 -17.92 -10.51
CA VAL B 371 -14.62 -18.24 -9.52
C VAL B 371 -14.57 -17.11 -8.51
N GLN B 372 -14.75 -17.42 -7.23
CA GLN B 372 -14.71 -16.41 -6.17
C GLN B 372 -13.87 -16.80 -4.96
N ASN B 373 -13.40 -18.04 -4.87
CA ASN B 373 -12.62 -18.49 -3.73
C ASN B 373 -11.80 -19.70 -4.13
N ILE B 374 -11.00 -20.19 -3.17
CA ILE B 374 -10.07 -21.29 -3.46
C ILE B 374 -10.82 -22.54 -3.86
N GLY B 375 -11.99 -22.78 -3.24
CA GLY B 375 -12.73 -23.99 -3.52
C GLY B 375 -13.14 -24.11 -4.98
N HIS B 376 -13.52 -22.99 -5.58
CA HIS B 376 -13.89 -23.02 -7.00
C HIS B 376 -12.69 -23.36 -7.87
N ILE B 377 -11.50 -22.86 -7.51
CA ILE B 377 -10.30 -23.15 -8.28
C ILE B 377 -10.01 -24.65 -8.27
N THR B 378 -10.03 -25.26 -7.09
CA THR B 378 -9.83 -26.70 -6.99
C THR B 378 -10.84 -27.45 -7.86
N LYS B 379 -12.12 -27.14 -7.70
CA LYS B 379 -13.16 -27.85 -8.44
C LYS B 379 -13.00 -27.65 -9.94
N ALA B 380 -12.71 -26.41 -10.37
CA ALA B 380 -12.46 -26.17 -11.79
C ALA B 380 -11.39 -27.10 -12.33
N ILE B 381 -10.26 -27.19 -11.62
CA ILE B 381 -9.17 -28.06 -12.05
C ILE B 381 -9.59 -29.52 -11.96
N ALA B 382 -10.33 -29.89 -10.91
CA ALA B 382 -10.74 -31.28 -10.74
C ALA B 382 -11.53 -31.77 -11.95
N LEU B 383 -12.30 -30.88 -12.58
CA LEU B 383 -13.15 -31.26 -13.70
C LEU B 383 -12.43 -31.26 -15.04
N GLY B 384 -11.19 -30.76 -15.10
CA GLY B 384 -10.41 -30.85 -16.32
C GLY B 384 -9.69 -29.58 -16.71
N ALA B 385 -10.07 -28.46 -16.12
CA ALA B 385 -9.43 -27.20 -16.44
C ALA B 385 -7.94 -27.23 -16.10
N SER B 386 -7.14 -26.55 -16.94
CA SER B 386 -5.70 -26.40 -16.70
C SER B 386 -5.34 -25.12 -15.98
N THR B 387 -6.09 -24.05 -16.16
CA THR B 387 -5.92 -22.82 -15.41
C THR B 387 -7.30 -22.23 -15.13
N VAL B 388 -7.34 -21.21 -14.29
CA VAL B 388 -8.59 -20.55 -13.93
C VAL B 388 -8.41 -19.04 -14.11
N MET B 389 -9.41 -18.41 -14.71
CA MET B 389 -9.41 -16.97 -14.94
C MET B 389 -10.22 -16.28 -13.84
N MET B 390 -9.69 -15.16 -13.35
CA MET B 390 -10.29 -14.46 -12.21
C MET B 390 -10.55 -13.02 -12.58
N GLY B 391 -11.80 -12.59 -12.43
CA GLY B 391 -12.18 -11.23 -12.73
C GLY B 391 -12.55 -10.44 -11.49
N GLY B 392 -13.75 -10.69 -10.96
CA GLY B 392 -14.20 -10.01 -9.77
C GLY B 392 -13.29 -10.25 -8.58
N MET B 393 -12.71 -11.44 -8.48
CA MET B 393 -11.80 -11.72 -7.36
C MET B 393 -10.66 -10.70 -7.30
N LEU B 394 -10.09 -10.35 -8.46
CA LEU B 394 -8.91 -9.51 -8.50
C LEU B 394 -9.24 -8.03 -8.66
N ALA B 395 -10.44 -7.69 -9.12
CA ALA B 395 -10.88 -6.31 -9.08
C ALA B 395 -10.95 -5.85 -7.63
N GLY B 396 -10.62 -4.60 -7.39
CA GLY B 396 -10.56 -4.09 -6.04
C GLY B 396 -9.23 -4.27 -5.35
N THR B 397 -8.29 -4.99 -5.96
CA THR B 397 -6.93 -5.01 -5.45
C THR B 397 -6.19 -3.75 -5.88
N THR B 398 -5.05 -3.51 -5.24
CA THR B 398 -4.30 -2.29 -5.51
C THR B 398 -3.71 -2.31 -6.93
N GLU B 399 -3.34 -3.49 -7.43
CA GLU B 399 -2.76 -3.57 -8.77
C GLU B 399 -3.82 -3.39 -9.86
N SER B 400 -5.08 -3.69 -9.55
CA SER B 400 -6.14 -3.50 -10.53
C SER B 400 -6.23 -2.01 -10.89
N PRO B 401 -6.63 -1.68 -12.11
CA PRO B 401 -6.68 -0.29 -12.52
C PRO B 401 -7.88 0.44 -11.93
N GLY B 402 -7.80 1.77 -11.96
CA GLY B 402 -8.88 2.63 -11.53
C GLY B 402 -8.59 3.29 -10.20
N GLU B 403 -9.63 3.91 -9.66
CA GLU B 403 -9.55 4.62 -8.39
C GLU B 403 -10.64 4.12 -7.45
N TYR B 404 -10.40 4.31 -6.15
CA TYR B 404 -11.35 3.91 -5.13
C TYR B 404 -12.34 5.04 -4.85
N PHE B 405 -13.45 4.68 -4.23
CA PHE B 405 -14.45 5.66 -3.81
C PHE B 405 -15.28 5.12 -2.64
N ARG B 407 -18.97 3.62 -1.11
CA ARG B 407 -20.34 4.08 -0.84
C ARG B 407 -21.04 3.14 0.15
N ASP B 408 -21.91 3.71 0.98
CA ASP B 408 -22.64 2.94 1.97
C ASP B 408 -21.70 2.27 2.95
N ARG B 411 -14.89 0.65 1.03
CA ARG B 411 -13.97 0.88 -0.08
C ARG B 411 -14.36 0.05 -1.29
N LEU B 412 -14.86 0.71 -2.33
CA LEU B 412 -15.38 0.04 -3.52
C LEU B 412 -14.67 0.53 -4.76
N LYS B 413 -14.72 -0.30 -5.80
CA LYS B 413 -14.22 0.04 -7.15
C LYS B 413 -15.33 -0.30 -8.23
N THR B 414 -15.58 0.53 -9.26
CA THR B 414 -16.59 0.18 -10.29
C THR B 414 -16.05 -1.08 -11.03
N TYR B 415 -16.92 -2.02 -11.42
CA TYR B 415 -16.56 -3.29 -12.13
C TYR B 415 -17.28 -3.39 -13.50
N ARG B 416 -16.56 -3.82 -14.53
CA ARG B 416 -17.14 -3.95 -15.87
C ARG B 416 -17.65 -2.61 -16.39
N GLY B 419 -19.04 -6.59 -22.06
CA GLY B 419 -20.33 -6.57 -22.76
C GLY B 419 -21.32 -5.60 -22.14
N SER B 420 -20.89 -4.88 -21.11
CA SER B 420 -21.74 -3.87 -20.51
C SER B 420 -21.91 -2.68 -21.45
N ILE B 421 -23.07 -2.01 -21.34
CA ILE B 421 -23.33 -0.86 -22.20
C ILE B 421 -22.23 0.18 -22.05
N ASP B 422 -21.77 0.40 -20.81
CA ASP B 422 -20.72 1.38 -20.57
C ASP B 422 -19.45 1.01 -21.34
N ALA B 423 -18.98 -0.24 -21.19
CA ALA B 423 -17.80 -0.67 -21.93
C ALA B 423 -18.01 -0.55 -23.44
N MET B 424 -19.22 -0.82 -23.91
CA MET B 424 -19.55 -0.73 -25.32
C MET B 424 -19.87 0.72 -25.70
N ALA B 448 -27.26 -5.21 -24.56
CA ALA B 448 -26.23 -5.30 -23.53
C ALA B 448 -26.26 -6.66 -22.85
N GLN B 449 -25.08 -7.28 -22.75
CA GLN B 449 -24.94 -8.60 -22.15
C GLN B 449 -24.21 -8.57 -20.81
N GLY B 450 -24.04 -7.39 -20.23
CA GLY B 450 -23.39 -7.25 -18.94
C GLY B 450 -23.96 -6.06 -18.19
N VAL B 451 -23.44 -5.87 -16.97
CA VAL B 451 -23.90 -4.79 -16.09
C VAL B 451 -22.67 -4.08 -15.53
N THR B 452 -22.92 -2.91 -14.96
CA THR B 452 -21.90 -2.16 -14.22
C THR B 452 -22.16 -2.32 -12.72
N GLY B 453 -21.09 -2.55 -11.97
CA GLY B 453 -21.21 -2.76 -10.54
C GLY B 453 -20.05 -2.20 -9.74
N SER B 454 -19.84 -2.73 -8.54
CA SER B 454 -18.75 -2.29 -7.68
C SER B 454 -18.30 -3.45 -6.82
N VAL B 455 -16.98 -3.53 -6.57
CA VAL B 455 -16.37 -4.57 -5.76
C VAL B 455 -15.56 -3.92 -4.65
N ILE B 456 -15.24 -4.72 -3.63
CA ILE B 456 -14.64 -4.21 -2.40
C ILE B 456 -13.13 -4.16 -2.56
N ASP B 457 -12.49 -3.29 -1.77
CA ASP B 457 -11.04 -3.24 -1.70
C ASP B 457 -10.48 -4.54 -1.12
N LYS B 458 -9.32 -4.96 -1.63
CA LYS B 458 -8.76 -6.26 -1.26
C LYS B 458 -7.27 -6.24 -0.95
N GLY B 459 -6.59 -5.10 -1.02
CA GLY B 459 -5.16 -5.08 -0.82
C GLY B 459 -4.41 -5.53 -2.06
N SER B 460 -3.12 -5.78 -1.88
CA SER B 460 -2.23 -6.12 -2.98
C SER B 460 -2.21 -7.62 -3.23
N ILE B 461 -2.07 -7.99 -4.50
CA ILE B 461 -2.00 -9.39 -4.86
C ILE B 461 -0.66 -10.01 -4.47
N LYS B 462 0.34 -9.20 -4.14
CA LYS B 462 1.59 -9.73 -3.61
C LYS B 462 1.37 -10.53 -2.34
N LYS B 463 0.25 -10.31 -1.65
CA LYS B 463 -0.19 -11.16 -0.54
C LYS B 463 -1.31 -12.10 -0.94
N TYR B 464 -2.20 -11.67 -1.85
CA TYR B 464 -3.41 -12.43 -2.13
C TYR B 464 -3.15 -13.63 -3.03
N ILE B 465 -2.24 -13.50 -4.01
CA ILE B 465 -1.96 -14.59 -4.92
C ILE B 465 -1.23 -15.70 -4.16
N PRO B 466 -0.19 -15.37 -3.38
CA PRO B 466 0.41 -16.43 -2.53
C PRO B 466 -0.58 -17.09 -1.61
N TYR B 467 -1.62 -16.37 -1.18
CA TYR B 467 -2.66 -16.98 -0.35
C TYR B 467 -3.45 -18.01 -1.13
N LEU B 468 -3.87 -17.68 -2.36
CA LEU B 468 -4.56 -18.66 -3.19
C LEU B 468 -3.63 -19.83 -3.51
N TYR B 469 -2.35 -19.54 -3.77
CA TYR B 469 -1.36 -20.57 -4.05
C TYR B 469 -1.25 -21.54 -2.88
N ASN B 470 -0.95 -21.01 -1.70
CA ASN B 470 -0.87 -21.86 -0.50
C ASN B 470 -2.19 -22.58 -0.26
N GLY B 471 -3.30 -21.90 -0.54
CA GLY B 471 -4.60 -22.53 -0.32
C GLY B 471 -4.82 -23.73 -1.22
N LEU B 472 -4.40 -23.63 -2.48
CA LEU B 472 -4.56 -24.74 -3.40
C LEU B 472 -3.65 -25.90 -3.02
N GLN B 473 -2.47 -25.61 -2.48
CA GLN B 473 -1.57 -26.69 -2.02
C GLN B 473 -2.23 -27.52 -0.93
N HIS B 474 -2.79 -26.86 0.09
CA HIS B 474 -3.42 -27.60 1.18
C HIS B 474 -4.58 -28.45 0.68
N SER B 475 -5.38 -27.91 -0.24
CA SER B 475 -6.52 -28.66 -0.77
C SER B 475 -6.04 -29.88 -1.56
N CYS B 476 -4.97 -29.73 -2.33
CA CYS B 476 -4.39 -30.88 -3.02
C CYS B 476 -3.89 -31.91 -2.01
N GLN B 477 -3.33 -31.45 -0.89
CA GLN B 477 -2.91 -32.37 0.16
C GLN B 477 -4.10 -33.13 0.72
N ASP B 478 -5.15 -32.40 1.13
CA ASP B 478 -6.36 -33.05 1.65
C ASP B 478 -6.87 -34.11 0.69
N ILE B 479 -6.75 -33.87 -0.62
CA ILE B 479 -7.27 -34.80 -1.60
C ILE B 479 -6.30 -35.97 -1.79
N GLY B 480 -5.02 -35.77 -1.54
CA GLY B 480 -4.02 -36.80 -1.69
C GLY B 480 -3.26 -36.79 -2.99
N VAL B 481 -3.06 -35.61 -3.60
CA VAL B 481 -2.33 -35.50 -4.85
C VAL B 481 -1.16 -34.55 -4.65
N ARG B 482 0.00 -34.92 -5.23
CA ARG B 482 1.22 -34.17 -5.06
C ARG B 482 1.39 -33.05 -6.07
N SER B 483 0.51 -32.95 -7.06
CA SER B 483 0.62 -31.95 -8.11
C SER B 483 -0.67 -31.93 -8.90
N LEU B 484 -0.88 -30.84 -9.64
CA LEU B 484 -2.07 -30.74 -10.48
C LEU B 484 -2.03 -31.75 -11.62
N VAL B 485 -0.84 -32.13 -12.08
CA VAL B 485 -0.73 -33.17 -13.10
C VAL B 485 -1.24 -34.50 -12.55
N GLU B 486 -0.76 -34.80 -11.38
CA GLU B 486 -1.23 -35.99 -10.66
C GLU B 486 -2.75 -35.86 -10.32
N PHE B 487 -3.19 -34.63 -10.09
CA PHE B 487 -4.63 -34.41 -9.75
C PHE B 487 -5.51 -34.85 -10.96
N ARG B 488 -5.04 -34.49 -12.13
CA ARG B 488 -5.77 -34.84 -13.39
C ARG B 488 -5.82 -36.38 -13.64
N GLU B 489 -4.69 -37.03 -13.40
CA GLU B 489 -4.54 -38.47 -13.63
C GLU B 489 -5.43 -39.20 -12.64
N LYS B 490 -5.42 -38.78 -11.38
CA LYS B 490 -6.19 -39.51 -10.36
C LYS B 490 -7.69 -39.30 -10.51
N VAL B 491 -8.11 -38.18 -11.08
CA VAL B 491 -9.54 -37.99 -11.34
C VAL B 491 -9.99 -38.88 -12.50
N ASP B 492 -9.24 -38.87 -13.60
CA ASP B 492 -9.66 -39.62 -14.78
C ASP B 492 -9.70 -41.12 -14.49
N SER B 493 -8.89 -41.59 -13.55
CA SER B 493 -8.86 -43.01 -13.21
C SER B 493 -9.91 -43.40 -12.18
N GLY B 494 -10.73 -42.46 -11.73
CA GLY B 494 -11.70 -42.74 -10.70
C GLY B 494 -11.15 -42.84 -9.30
N SER B 495 -9.85 -42.59 -9.11
CA SER B 495 -9.29 -42.58 -7.77
C SER B 495 -9.91 -41.47 -6.93
N VAL B 496 -9.86 -40.22 -7.44
CA VAL B 496 -10.52 -39.12 -6.77
C VAL B 496 -12.02 -39.32 -6.84
N ARG B 497 -12.71 -39.00 -5.74
CA ARG B 497 -14.13 -39.23 -5.63
C ARG B 497 -14.86 -37.92 -5.30
N PHE B 498 -16.13 -37.87 -5.67
CA PHE B 498 -16.94 -36.66 -5.54
C PHE B 498 -18.26 -37.00 -4.87
N GLU B 499 -19.01 -35.95 -4.56
CA GLU B 499 -20.32 -36.11 -3.93
C GLU B 499 -21.15 -34.88 -4.26
N PHE B 500 -22.34 -35.10 -4.81
CA PHE B 500 -23.25 -33.99 -5.08
C PHE B 500 -23.67 -33.35 -3.77
N ARG B 501 -23.74 -32.01 -3.77
CA ARG B 501 -24.14 -31.25 -2.60
C ARG B 501 -25.60 -30.85 -2.73
N THR B 502 -26.39 -31.19 -1.74
CA THR B 502 -27.77 -30.74 -1.72
C THR B 502 -27.83 -29.27 -1.27
N PRO B 503 -28.87 -28.54 -1.68
CA PRO B 503 -29.01 -27.15 -1.19
C PRO B 503 -28.83 -27.00 0.32
N SER B 504 -29.08 -28.05 1.10
CA SER B 504 -28.91 -27.98 2.55
C SER B 504 -27.47 -28.17 2.98
N ALA B 505 -26.71 -29.01 2.27
CA ALA B 505 -25.32 -29.26 2.59
C ALA B 505 -24.42 -28.13 2.12
N GLN B 506 -24.88 -27.32 1.16
CA GLN B 506 -24.16 -26.12 0.77
C GLN B 506 -24.24 -25.06 1.87
N LEU B 507 -25.35 -25.03 2.60
CA LEU B 507 -25.48 -24.11 3.74
C LEU B 507 -24.68 -24.59 4.94
N GLU B 508 -24.52 -25.90 5.10
CA GLU B 508 -23.68 -26.42 6.17
C GLU B 508 -22.20 -26.26 5.84
N GLY B 509 -21.84 -26.40 4.56
CA GLY B 509 -20.44 -26.32 4.15
C GLY B 509 -19.83 -24.94 4.36
N GLY B 510 -20.65 -23.90 4.42
CA GLY B 510 -20.21 -22.58 4.79
C GLY B 510 -20.55 -22.25 6.24
N VAL B 511 -20.69 -20.96 6.51
CA VAL B 511 -21.08 -20.51 7.84
C VAL B 511 -22.58 -20.71 8.00
N HIS B 512 -23.00 -21.07 9.21
CA HIS B 512 -24.41 -21.27 9.49
C HIS B 512 -24.64 -21.22 10.99
N ASN B 513 -25.86 -20.85 11.37
CA ASN B 513 -26.28 -20.84 12.76
C ASN B 513 -25.30 -20.05 13.64
N LEU B 514 -25.09 -18.78 13.26
CA LEU B 514 -24.21 -17.90 13.99
C LEU B 514 -24.74 -16.47 13.89
N HIS B 515 -24.56 -15.70 14.97
CA HIS B 515 -25.00 -14.31 14.96
C HIS B 515 -24.14 -13.46 14.04
N SER B 516 -22.82 -13.63 14.10
CA SER B 516 -21.90 -12.90 13.22
C SER B 516 -20.49 -13.49 13.32
N LEU B 521 -10.50 -14.83 6.80
CA LEU B 521 -9.84 -15.48 5.68
C LEU B 521 -8.32 -15.28 5.75
N PHE B 522 -7.89 -14.05 5.52
CA PHE B 522 -6.47 -13.72 5.59
C PHE B 522 -6.30 -12.31 6.11
N ASP B 523 -5.11 -12.03 6.63
CA ASP B 523 -4.80 -10.74 7.25
C ASP B 523 -5.70 -10.50 8.45
#